data_4NAV
#
_entry.id   4NAV
#
_cell.length_a   88.903
_cell.length_b   156.017
_cell.length_c   111.509
_cell.angle_alpha   90.00
_cell.angle_beta   90.00
_cell.angle_gamma   90.00
#
_symmetry.space_group_name_H-M   'C 2 2 21'
#
loop_
_entity.id
_entity.type
_entity.pdbx_description
1 polymer 'HYPOTHETICAL PROTEIN XCC279'
2 water water
#
_entity_poly.entity_id   1
_entity_poly.type   'polypeptide(L)'
_entity_poly.pdbx_seq_one_letter_code
;MPYSPLQDLPADLIDRAARVRLACFDVDGTLTDGRLYYDHAGNESKAFNVLDGQGLKQLEHAGIHVALITARASLSAEKR
GQDLGLHVQIGVKNKRLAVLALCQEHGLSLDQVLFMGDDLPDLPALLAVGLPVAPANAHPWIAERVQWHTRARGGEGAAR
EVCDVVLAAQGQVDSIIARFSA
;
_entity_poly.pdbx_strand_id   D,A,B,C
#
# COMPACT_ATOMS: atom_id res chain seq x y z
N MET A 1 -3.25 -2.92 13.92
CA MET A 1 -4.31 -2.24 13.10
C MET A 1 -5.12 -3.21 12.22
N PRO A 2 -6.39 -3.47 12.59
CA PRO A 2 -7.18 -4.52 11.92
C PRO A 2 -7.33 -4.36 10.39
N TYR A 3 -7.14 -5.45 9.65
CA TYR A 3 -7.43 -5.54 8.21
C TYR A 3 -8.86 -5.14 7.93
N SER A 4 -9.05 -4.22 6.98
CA SER A 4 -10.37 -3.85 6.56
C SER A 4 -10.39 -3.83 5.09
N PRO A 5 -11.23 -4.68 4.50
CA PRO A 5 -11.32 -4.71 3.05
C PRO A 5 -11.70 -3.34 2.50
N LEU A 6 -12.29 -2.49 3.35
CA LEU A 6 -12.85 -1.21 2.91
C LEU A 6 -11.90 -0.04 2.90
N GLN A 7 -10.78 -0.13 3.58
CA GLN A 7 -9.91 1.06 3.54
C GLN A 7 -9.22 1.08 2.18
N ASP A 8 -8.91 2.29 1.76
CA ASP A 8 -8.39 2.53 0.43
C ASP A 8 -9.40 2.27 -0.67
N LEU A 9 -10.66 2.16 -0.34
CA LEU A 9 -11.72 2.05 -1.35
C LEU A 9 -12.58 3.28 -1.31
N PRO A 10 -13.03 3.76 -2.47
CA PRO A 10 -13.78 5.03 -2.44
C PRO A 10 -15.16 4.87 -1.88
N ALA A 11 -15.65 5.90 -1.24
CA ALA A 11 -17.00 5.92 -0.68
C ALA A 11 -18.09 5.42 -1.66
N ASP A 12 -18.04 5.85 -2.92
CA ASP A 12 -19.06 5.49 -3.89
C ASP A 12 -19.16 3.95 -4.04
N LEU A 13 -18.02 3.30 -4.08
CA LEU A 13 -17.94 1.87 -4.28
C LEU A 13 -18.49 1.13 -3.05
N ILE A 14 -18.08 1.57 -1.88
CA ILE A 14 -18.52 1.00 -0.63
C ILE A 14 -20.05 1.08 -0.54
N ASP A 15 -20.59 2.22 -0.95
CA ASP A 15 -22.03 2.41 -0.94
C ASP A 15 -22.74 1.45 -1.90
N ARG A 16 -22.13 1.12 -3.04
CA ARG A 16 -22.76 0.21 -3.97
C ARG A 16 -22.66 -1.18 -3.43
N ALA A 17 -21.53 -1.49 -2.83
CA ALA A 17 -21.30 -2.82 -2.27
C ALA A 17 -22.28 -3.10 -1.13
N ALA A 18 -22.63 -2.07 -0.38
CA ALA A 18 -23.62 -2.16 0.71
C ALA A 18 -25.01 -2.55 0.26
N ARG A 19 -25.36 -2.30 -1.00
CA ARG A 19 -26.71 -2.60 -1.46
C ARG A 19 -26.77 -3.80 -2.38
N VAL A 20 -25.67 -4.53 -2.49
CA VAL A 20 -25.60 -5.70 -3.32
C VAL A 20 -26.43 -6.83 -2.73
N ARG A 21 -27.38 -7.31 -3.52
CA ARG A 21 -28.25 -8.43 -3.15
C ARG A 21 -28.02 -9.63 -4.03
N LEU A 22 -27.40 -9.40 -5.17
CA LEU A 22 -27.12 -10.52 -6.08
C LEU A 22 -25.69 -10.35 -6.54
N ALA A 23 -24.90 -11.41 -6.38
CA ALA A 23 -23.48 -11.40 -6.78
C ALA A 23 -23.26 -12.48 -7.82
N CYS A 24 -22.86 -12.07 -9.03
CA CYS A 24 -22.66 -13.02 -10.13
C CYS A 24 -21.21 -13.08 -10.47
N PHE A 25 -20.73 -14.26 -10.83
CA PHE A 25 -19.32 -14.47 -11.10
C PHE A 25 -19.12 -15.26 -12.38
N ASP A 26 -18.31 -14.72 -13.28
CA ASP A 26 -17.75 -15.51 -14.37
C ASP A 26 -17.00 -16.68 -13.75
N VAL A 27 -16.78 -17.74 -14.50
CA VAL A 27 -16.01 -18.87 -13.98
C VAL A 27 -14.53 -18.69 -14.35
N ASP A 28 -14.24 -18.88 -15.63
CA ASP A 28 -12.87 -18.92 -16.08
C ASP A 28 -12.25 -17.57 -16.11
N GLY A 29 -11.12 -17.50 -15.44
CA GLY A 29 -10.36 -16.27 -15.29
C GLY A 29 -10.77 -15.43 -14.10
N THR A 30 -11.83 -15.85 -13.40
CA THR A 30 -12.41 -15.08 -12.33
C THR A 30 -12.40 -15.88 -11.04
N LEU A 31 -13.00 -17.08 -11.07
CA LEU A 31 -12.79 -18.09 -10.01
C LEU A 31 -11.65 -19.06 -10.33
N THR A 32 -10.98 -18.82 -11.44
CA THR A 32 -9.99 -19.74 -12.03
C THR A 32 -8.91 -18.83 -12.51
N ASP A 33 -7.70 -19.34 -12.65
CA ASP A 33 -6.57 -18.57 -13.21
C ASP A 33 -6.54 -18.55 -14.74
N GLY A 34 -7.67 -18.94 -15.34
CA GLY A 34 -7.85 -19.01 -16.76
C GLY A 34 -7.45 -20.35 -17.38
N ARG A 35 -6.91 -21.25 -16.59
CA ARG A 35 -6.39 -22.50 -17.12
C ARG A 35 -7.46 -23.58 -17.34
N LEU A 36 -7.38 -24.27 -18.46
CA LEU A 36 -8.15 -25.49 -18.74
C LEU A 36 -7.20 -26.68 -18.94
N TYR A 37 -7.32 -27.65 -18.04
CA TYR A 37 -6.50 -28.84 -18.08
C TYR A 37 -7.21 -29.85 -19.00
N TYR A 38 -6.57 -30.17 -20.10
CA TYR A 38 -7.07 -31.15 -21.05
C TYR A 38 -6.32 -32.42 -20.81
N ASP A 39 -7.07 -33.52 -20.69
CA ASP A 39 -6.46 -34.84 -20.54
C ASP A 39 -6.38 -35.52 -21.90
N HIS A 40 -5.85 -36.74 -21.96
CA HIS A 40 -5.57 -37.36 -23.26
C HIS A 40 -6.83 -37.64 -24.14
N ALA A 41 -8.02 -37.57 -23.53
CA ALA A 41 -9.28 -37.81 -24.23
C ALA A 41 -10.05 -36.51 -24.39
N GLY A 42 -9.40 -35.38 -24.22
CA GLY A 42 -10.06 -34.08 -24.35
C GLY A 42 -10.95 -33.65 -23.20
N ASN A 43 -11.11 -34.52 -22.19
CA ASN A 43 -11.86 -34.15 -20.98
C ASN A 43 -11.20 -33.01 -20.20
N GLU A 44 -12.00 -32.06 -19.72
CA GLU A 44 -11.49 -30.82 -19.14
C GLU A 44 -11.63 -30.72 -17.60
N SER A 45 -10.65 -30.06 -16.96
CA SER A 45 -10.72 -29.71 -15.56
C SER A 45 -10.33 -28.26 -15.37
N LYS A 46 -10.75 -27.68 -14.25
CA LYS A 46 -10.41 -26.30 -13.87
C LYS A 46 -10.01 -26.33 -12.42
N ALA A 47 -9.28 -25.31 -11.98
CA ALA A 47 -8.94 -25.19 -10.57
C ALA A 47 -9.67 -24.03 -9.94
N PHE A 48 -10.52 -24.35 -8.97
CA PHE A 48 -11.11 -23.33 -8.10
C PHE A 48 -10.27 -23.23 -6.84
N ASN A 49 -10.59 -22.26 -5.98
CA ASN A 49 -9.77 -21.87 -4.86
C ASN A 49 -10.60 -21.92 -3.58
N VAL A 50 -10.06 -22.48 -2.49
CA VAL A 50 -10.86 -22.62 -1.28
C VAL A 50 -11.16 -21.33 -0.57
N LEU A 51 -10.27 -20.34 -0.66
CA LEU A 51 -10.58 -19.01 -0.10
C LEU A 51 -11.75 -18.39 -0.82
N ASP A 52 -11.78 -18.55 -2.13
CA ASP A 52 -12.92 -18.11 -2.90
C ASP A 52 -14.18 -18.83 -2.42
N GLY A 53 -14.10 -20.14 -2.25
CA GLY A 53 -15.24 -20.94 -1.76
C GLY A 53 -15.78 -20.49 -0.41
N GLN A 54 -14.86 -20.30 0.54
CA GLN A 54 -15.25 -19.77 1.81
C GLN A 54 -15.95 -18.41 1.63
N GLY A 55 -15.41 -17.54 0.79
CA GLY A 55 -16.05 -16.24 0.55
C GLY A 55 -17.47 -16.34 0.00
N LEU A 56 -17.70 -17.27 -0.92
CA LEU A 56 -18.97 -17.37 -1.58
C LEU A 56 -20.08 -17.87 -0.64
N LYS A 57 -19.76 -18.88 0.15
CA LYS A 57 -20.66 -19.36 1.18
C LYS A 57 -21.07 -18.23 2.13
N GLN A 58 -20.13 -17.34 2.43
CA GLN A 58 -20.39 -16.31 3.40
C GLN A 58 -21.34 -15.28 2.87
N LEU A 59 -21.20 -14.98 1.58
CA LEU A 59 -22.20 -14.20 0.87
C LEU A 59 -23.57 -14.88 0.96
N GLU A 60 -23.62 -16.17 0.68
CA GLU A 60 -24.91 -16.83 0.75
C GLU A 60 -25.42 -16.74 2.21
N HIS A 61 -24.56 -17.05 3.17
CA HIS A 61 -24.89 -17.02 4.58
C HIS A 61 -25.37 -15.66 5.05
N ALA A 62 -24.91 -14.61 4.38
CA ALA A 62 -25.35 -13.27 4.67
C ALA A 62 -26.52 -12.84 3.79
N GLY A 63 -27.19 -13.80 3.20
CA GLY A 63 -28.49 -13.53 2.57
C GLY A 63 -28.39 -12.89 1.23
N ILE A 64 -27.20 -12.97 0.65
CA ILE A 64 -26.97 -12.47 -0.67
C ILE A 64 -27.04 -13.64 -1.60
N HIS A 65 -27.80 -13.52 -2.68
CA HIS A 65 -27.86 -14.55 -3.69
C HIS A 65 -26.58 -14.60 -4.56
N VAL A 66 -26.02 -15.79 -4.75
CA VAL A 66 -24.83 -15.96 -5.53
C VAL A 66 -25.07 -16.83 -6.77
N ALA A 67 -24.56 -16.38 -7.90
CA ALA A 67 -24.77 -17.08 -9.14
C ALA A 67 -23.47 -17.17 -9.92
N LEU A 68 -23.23 -18.32 -10.52
CA LEU A 68 -22.10 -18.50 -11.44
C LEU A 68 -22.66 -18.48 -12.85
N ILE A 69 -21.96 -17.80 -13.75
CA ILE A 69 -22.48 -17.62 -15.10
C ILE A 69 -21.37 -17.86 -16.10
N THR A 70 -21.54 -18.91 -16.89
CA THR A 70 -20.53 -19.34 -17.84
C THR A 70 -21.19 -19.59 -19.20
N ALA A 71 -20.45 -19.27 -20.26
CA ALA A 71 -20.86 -19.59 -21.63
C ALA A 71 -20.61 -21.08 -21.95
N ARG A 72 -19.58 -21.66 -21.31
CA ARG A 72 -19.20 -23.07 -21.51
C ARG A 72 -20.30 -23.94 -20.94
N ALA A 73 -20.46 -25.13 -21.50
CA ALA A 73 -21.49 -26.07 -21.04
C ALA A 73 -20.85 -27.11 -20.13
N SER A 74 -20.21 -26.70 -19.04
CA SER A 74 -19.36 -27.62 -18.24
C SER A 74 -20.05 -28.17 -16.98
N LEU A 75 -20.00 -29.49 -16.80
CA LEU A 75 -20.50 -30.10 -15.56
C LEU A 75 -19.64 -29.66 -14.33
N SER A 76 -18.38 -29.27 -14.59
CA SER A 76 -17.45 -28.80 -13.53
C SER A 76 -18.08 -27.71 -12.72
N ALA A 77 -18.52 -26.68 -13.44
CA ALA A 77 -19.06 -25.49 -12.84
C ALA A 77 -20.33 -25.78 -12.07
N GLU A 78 -21.19 -26.64 -12.64
CA GLU A 78 -22.39 -27.10 -11.94
C GLU A 78 -21.98 -27.81 -10.64
N LYS A 79 -21.09 -28.79 -10.73
CA LYS A 79 -20.65 -29.54 -9.54
C LYS A 79 -20.09 -28.59 -8.46
N ARG A 80 -19.36 -27.55 -8.88
CA ARG A 80 -18.81 -26.56 -7.99
C ARG A 80 -19.90 -25.75 -7.28
N GLY A 81 -20.90 -25.32 -8.04
CA GLY A 81 -22.03 -24.63 -7.47
C GLY A 81 -22.76 -25.46 -6.43
N GLN A 82 -22.94 -26.76 -6.71
CA GLN A 82 -23.62 -27.65 -5.76
C GLN A 82 -22.80 -27.73 -4.47
N ASP A 83 -21.49 -27.92 -4.57
CA ASP A 83 -20.65 -28.04 -3.38
C ASP A 83 -20.73 -26.84 -2.45
N LEU A 84 -20.99 -25.66 -3.00
CA LEU A 84 -21.03 -24.43 -2.20
C LEU A 84 -22.47 -23.94 -1.95
N GLY A 85 -23.46 -24.57 -2.61
CA GLY A 85 -24.86 -24.17 -2.50
C GLY A 85 -25.18 -22.85 -3.20
N LEU A 86 -24.78 -22.73 -4.47
CA LEU A 86 -25.04 -21.53 -5.26
C LEU A 86 -25.76 -21.86 -6.57
N HIS A 87 -26.52 -20.89 -7.09
CA HIS A 87 -27.14 -21.00 -8.40
C HIS A 87 -26.09 -21.00 -9.47
N VAL A 88 -26.40 -21.70 -10.56
CA VAL A 88 -25.54 -21.77 -11.73
C VAL A 88 -26.38 -21.65 -13.00
N GLN A 89 -25.85 -20.95 -14.00
CA GLN A 89 -26.48 -20.84 -15.30
C GLN A 89 -25.40 -21.08 -16.33
N ILE A 90 -25.62 -22.09 -17.15
CA ILE A 90 -24.59 -22.62 -17.96
C ILE A 90 -24.96 -22.45 -19.43
N GLY A 91 -23.94 -22.31 -20.26
CA GLY A 91 -24.12 -22.20 -21.68
C GLY A 91 -24.84 -20.93 -22.09
N VAL A 92 -24.49 -19.82 -21.46
CA VAL A 92 -25.23 -18.59 -21.66
C VAL A 92 -24.67 -17.80 -22.86
N LYS A 93 -25.56 -17.55 -23.83
CA LYS A 93 -25.21 -16.82 -25.06
C LYS A 93 -24.96 -15.34 -24.71
N ASN A 94 -25.81 -14.75 -23.88
CA ASN A 94 -25.63 -13.37 -23.44
C ASN A 94 -25.76 -13.20 -21.92
N LYS A 95 -24.69 -12.71 -21.30
CA LYS A 95 -24.63 -12.67 -19.84
C LYS A 95 -25.51 -11.57 -19.26
N ARG A 96 -25.59 -10.44 -19.95
CA ARG A 96 -26.56 -9.40 -19.57
C ARG A 96 -27.95 -9.98 -19.42
N LEU A 97 -28.45 -10.64 -20.46
CA LEU A 97 -29.81 -11.21 -20.45
C LEU A 97 -29.97 -12.21 -19.31
N ALA A 98 -28.95 -13.01 -19.04
CA ALA A 98 -29.00 -13.95 -17.93
C ALA A 98 -29.17 -13.19 -16.62
N VAL A 99 -28.30 -12.20 -16.40
CA VAL A 99 -28.39 -11.36 -15.20
C VAL A 99 -29.77 -10.70 -15.08
N LEU A 100 -30.21 -10.08 -16.16
CA LEU A 100 -31.53 -9.44 -16.19
C LEU A 100 -32.61 -10.44 -15.79
N ALA A 101 -32.47 -11.69 -16.18
CA ALA A 101 -33.47 -12.71 -15.86
C ALA A 101 -33.48 -12.96 -14.36
N LEU A 102 -32.29 -13.04 -13.80
CA LEU A 102 -32.12 -13.23 -12.35
C LEU A 102 -32.63 -12.05 -11.49
N CYS A 103 -32.54 -10.84 -12.01
CA CYS A 103 -33.14 -9.72 -11.35
C CYS A 103 -34.66 -9.89 -11.19
N GLN A 104 -35.33 -10.30 -12.25
CA GLN A 104 -36.80 -10.47 -12.25
C GLN A 104 -37.19 -11.63 -11.31
N GLU A 105 -36.41 -12.72 -11.35
CA GLU A 105 -36.64 -13.86 -10.44
C GLU A 105 -36.57 -13.47 -8.95
N HIS A 106 -35.70 -12.54 -8.58
CA HIS A 106 -35.50 -12.21 -7.15
C HIS A 106 -36.09 -10.83 -6.79
N GLY A 107 -36.79 -10.22 -7.74
CA GLY A 107 -37.37 -8.89 -7.56
C GLY A 107 -36.33 -7.79 -7.30
N LEU A 108 -35.28 -7.76 -8.11
CA LEU A 108 -34.18 -6.81 -7.93
C LEU A 108 -34.00 -5.88 -9.12
N SER A 109 -33.30 -4.77 -8.88
CA SER A 109 -32.83 -3.89 -9.95
C SER A 109 -31.43 -4.28 -10.37
N LEU A 110 -30.98 -3.80 -11.52
CA LEU A 110 -29.57 -3.90 -11.89
C LEU A 110 -28.65 -3.18 -10.92
N ASP A 111 -29.14 -2.11 -10.30
CA ASP A 111 -28.29 -1.38 -9.38
C ASP A 111 -28.04 -2.14 -8.08
N GLN A 112 -28.68 -3.30 -7.91
CA GLN A 112 -28.45 -4.13 -6.74
C GLN A 112 -27.63 -5.37 -7.06
N VAL A 113 -26.96 -5.35 -8.20
CA VAL A 113 -26.24 -6.50 -8.71
C VAL A 113 -24.75 -6.21 -8.83
N LEU A 114 -23.95 -7.20 -8.45
CA LEU A 114 -22.52 -7.18 -8.62
C LEU A 114 -22.15 -8.22 -9.63
N PHE A 115 -21.23 -7.89 -10.53
CA PHE A 115 -20.77 -8.87 -11.52
C PHE A 115 -19.28 -8.85 -11.60
N MET A 116 -18.67 -10.02 -11.55
CA MET A 116 -17.23 -10.11 -11.66
C MET A 116 -16.86 -10.95 -12.86
N GLY A 117 -16.07 -10.37 -13.77
CA GLY A 117 -15.65 -11.08 -14.98
C GLY A 117 -14.27 -10.64 -15.41
N ASP A 118 -13.69 -11.32 -16.41
CA ASP A 118 -12.30 -11.05 -16.81
C ASP A 118 -12.10 -10.78 -18.30
N ASP A 119 -13.08 -11.08 -19.15
CA ASP A 119 -12.92 -11.00 -20.62
C ASP A 119 -14.20 -10.62 -21.37
N LEU A 120 -14.08 -10.46 -22.68
CA LEU A 120 -15.14 -9.95 -23.54
C LEU A 120 -16.52 -10.51 -23.32
N PRO A 121 -16.68 -11.84 -23.16
CA PRO A 121 -18.06 -12.29 -22.99
C PRO A 121 -18.78 -11.71 -21.73
N ASP A 122 -18.03 -11.23 -20.74
CA ASP A 122 -18.60 -10.63 -19.54
C ASP A 122 -18.97 -9.15 -19.71
N LEU A 123 -18.55 -8.55 -20.81
CA LEU A 123 -18.64 -7.12 -20.96
C LEU A 123 -20.07 -6.58 -20.98
N PRO A 124 -21.01 -7.29 -21.60
CA PRO A 124 -22.37 -6.79 -21.62
C PRO A 124 -22.93 -6.61 -20.23
N ALA A 125 -22.62 -7.56 -19.37
CA ALA A 125 -23.03 -7.52 -17.98
C ALA A 125 -22.23 -6.50 -17.20
N LEU A 126 -20.92 -6.52 -17.34
CA LEU A 126 -20.10 -5.56 -16.62
C LEU A 126 -20.60 -4.15 -16.85
N LEU A 127 -21.04 -3.84 -18.08
CA LEU A 127 -21.54 -2.49 -18.37
C LEU A 127 -22.96 -2.21 -17.93
N ALA A 128 -23.70 -3.24 -17.54
CA ALA A 128 -25.10 -3.08 -17.16
C ALA A 128 -25.35 -3.07 -15.62
N VAL A 129 -24.44 -3.65 -14.82
CA VAL A 129 -24.71 -3.81 -13.38
C VAL A 129 -24.30 -2.61 -12.51
N GLY A 130 -24.89 -2.56 -11.33
CA GLY A 130 -24.56 -1.54 -10.38
C GLY A 130 -23.09 -1.61 -9.95
N LEU A 131 -22.55 -2.82 -9.80
CA LEU A 131 -21.18 -2.96 -9.29
C LEU A 131 -20.35 -4.00 -10.06
N PRO A 132 -19.76 -3.58 -11.18
CA PRO A 132 -18.86 -4.47 -11.89
C PRO A 132 -17.53 -4.55 -11.16
N VAL A 133 -16.85 -5.67 -11.27
CA VAL A 133 -15.50 -5.79 -10.69
C VAL A 133 -14.69 -6.79 -11.55
N ALA A 134 -13.40 -6.55 -11.67
CA ALA A 134 -12.51 -7.41 -12.47
C ALA A 134 -11.26 -7.79 -11.69
N PRO A 135 -10.82 -9.03 -11.85
CA PRO A 135 -9.62 -9.43 -11.14
C PRO A 135 -8.38 -8.76 -11.75
N ALA A 136 -7.24 -8.89 -11.08
CA ALA A 136 -6.01 -8.22 -11.55
C ALA A 136 -5.53 -8.77 -12.88
N ASN A 137 -5.73 -10.06 -13.11
CA ASN A 137 -5.36 -10.69 -14.40
C ASN A 137 -6.30 -10.38 -15.55
N ALA A 138 -7.27 -9.51 -15.38
CA ALA A 138 -8.33 -9.30 -16.40
C ALA A 138 -7.75 -8.78 -17.71
N HIS A 139 -8.32 -9.16 -18.86
CA HIS A 139 -7.94 -8.58 -20.13
C HIS A 139 -8.02 -7.05 -20.10
N PRO A 140 -7.03 -6.34 -20.64
CA PRO A 140 -7.05 -4.87 -20.61
C PRO A 140 -8.32 -4.22 -21.16
N TRP A 141 -8.92 -4.82 -22.19
CA TRP A 141 -10.20 -4.28 -22.68
C TRP A 141 -11.31 -4.25 -21.65
N ILE A 142 -11.26 -5.16 -20.68
CA ILE A 142 -12.21 -5.21 -19.57
C ILE A 142 -11.73 -4.33 -18.43
N ALA A 143 -10.47 -4.50 -18.04
CA ALA A 143 -9.85 -3.64 -17.02
C ALA A 143 -10.16 -2.15 -17.24
N GLU A 144 -9.92 -1.69 -18.47
CA GLU A 144 -10.16 -0.31 -18.90
C GLU A 144 -11.57 0.16 -18.69
N ARG A 145 -12.50 -0.77 -18.68
CA ARG A 145 -13.92 -0.42 -18.68
C ARG A 145 -14.58 -0.67 -17.33
N VAL A 146 -13.81 -1.08 -16.34
CA VAL A 146 -14.30 -1.31 -14.98
C VAL A 146 -13.38 -0.66 -13.97
N GLN A 147 -13.95 0.08 -13.03
CA GLN A 147 -13.13 0.83 -12.10
C GLN A 147 -12.53 -0.02 -10.99
N TRP A 148 -13.33 -0.95 -10.46
CA TRP A 148 -12.86 -1.76 -9.33
C TRP A 148 -12.06 -2.98 -9.78
N HIS A 149 -10.77 -3.00 -9.46
CA HIS A 149 -9.91 -4.14 -9.75
C HIS A 149 -9.45 -4.71 -8.43
N THR A 150 -9.53 -6.01 -8.25
CA THR A 150 -8.96 -6.60 -7.08
C THR A 150 -7.45 -6.59 -7.16
N ARG A 151 -6.81 -6.56 -6.00
CA ARG A 151 -5.37 -6.76 -5.96
C ARG A 151 -5.02 -8.17 -6.44
N ALA A 152 -5.78 -9.18 -6.01
CA ALA A 152 -5.45 -10.57 -6.31
C ALA A 152 -5.92 -10.99 -7.68
N ARG A 153 -5.33 -12.09 -8.14
CA ARG A 153 -5.62 -12.69 -9.43
C ARG A 153 -6.72 -13.72 -9.34
N GLY A 154 -7.38 -13.93 -10.47
CA GLY A 154 -8.42 -14.94 -10.58
C GLY A 154 -7.84 -16.26 -10.20
N GLY A 155 -8.57 -16.99 -9.38
CA GLY A 155 -8.12 -18.31 -8.94
C GLY A 155 -7.05 -18.26 -7.86
N GLU A 156 -6.76 -17.06 -7.38
CA GLU A 156 -5.80 -16.83 -6.28
C GLU A 156 -6.39 -15.87 -5.22
N GLY A 157 -7.69 -15.99 -4.98
CA GLY A 157 -8.37 -15.22 -3.97
C GLY A 157 -9.05 -13.93 -4.42
N ALA A 158 -9.11 -13.66 -5.72
CA ALA A 158 -9.74 -12.45 -6.21
C ALA A 158 -11.23 -12.39 -5.80
N ALA A 159 -11.91 -13.51 -5.94
CA ALA A 159 -13.32 -13.55 -5.56
C ALA A 159 -13.53 -13.40 -4.03
N ARG A 160 -12.66 -14.00 -3.24
CA ARG A 160 -12.72 -13.80 -1.81
C ARG A 160 -12.53 -12.32 -1.53
N GLU A 161 -11.60 -11.69 -2.22
CA GLU A 161 -11.35 -10.27 -2.00
C GLU A 161 -12.62 -9.46 -2.21
N VAL A 162 -13.41 -9.85 -3.20
CA VAL A 162 -14.66 -9.19 -3.46
C VAL A 162 -15.63 -9.49 -2.34
N CYS A 163 -15.83 -10.77 -2.05
CA CYS A 163 -16.71 -11.16 -0.96
C CYS A 163 -16.41 -10.37 0.32
N ASP A 164 -15.15 -10.27 0.69
CA ASP A 164 -14.79 -9.56 1.92
C ASP A 164 -15.24 -8.10 1.90
N VAL A 165 -15.12 -7.42 0.76
CA VAL A 165 -15.57 -6.05 0.64
C VAL A 165 -17.07 -5.92 0.88
N VAL A 166 -17.82 -6.79 0.20
CA VAL A 166 -19.26 -6.73 0.26
C VAL A 166 -19.74 -7.01 1.68
N LEU A 167 -19.25 -8.10 2.24
CA LEU A 167 -19.54 -8.44 3.61
C LEU A 167 -19.16 -7.28 4.58
N ALA A 168 -17.99 -6.67 4.39
CA ALA A 168 -17.60 -5.57 5.26
C ALA A 168 -18.58 -4.38 5.11
N ALA A 169 -18.96 -4.08 3.86
CA ALA A 169 -19.84 -2.96 3.60
C ALA A 169 -21.21 -3.20 4.19
N GLN A 170 -21.55 -4.47 4.36
CA GLN A 170 -22.88 -4.80 4.89
C GLN A 170 -22.84 -5.19 6.37
N GLY A 171 -21.75 -4.83 7.05
CA GLY A 171 -21.65 -4.95 8.50
C GLY A 171 -21.68 -6.39 9.01
N GLN A 172 -21.18 -7.27 8.18
CA GLN A 172 -21.31 -8.65 8.43
C GLN A 172 -20.09 -9.34 9.10
N VAL A 173 -18.96 -8.64 9.19
CA VAL A 173 -17.70 -9.34 9.47
C VAL A 173 -17.65 -9.76 10.95
N ASP A 174 -17.95 -8.84 11.84
CA ASP A 174 -17.88 -9.10 13.28
C ASP A 174 -18.62 -10.36 13.65
N SER A 175 -19.78 -10.57 13.04
CA SER A 175 -20.60 -11.70 13.39
C SER A 175 -20.08 -12.97 12.72
N ILE A 176 -19.48 -12.82 11.53
CA ILE A 176 -18.83 -13.94 10.88
C ILE A 176 -17.74 -14.49 11.78
N ILE A 177 -16.87 -13.62 12.23
CA ILE A 177 -15.83 -14.01 13.17
C ILE A 177 -16.34 -14.63 14.45
N ALA A 178 -17.40 -14.07 15.01
CA ALA A 178 -17.96 -14.58 16.27
C ALA A 178 -18.49 -16.00 16.08
N ARG A 179 -19.11 -16.26 14.93
CA ARG A 179 -19.60 -17.62 14.70
C ARG A 179 -18.45 -18.64 14.63
N PHE A 180 -17.31 -18.26 14.08
CA PHE A 180 -16.19 -19.19 13.96
C PHE A 180 -15.21 -19.20 15.15
N SER A 181 -15.45 -18.44 16.20
CA SER A 181 -14.50 -18.34 17.32
C SER A 181 -14.72 -19.40 18.39
N ALA A 182 -15.74 -20.24 18.22
CA ALA A 182 -15.93 -21.41 19.12
C ALA A 182 -16.91 -22.42 18.57
N PRO B 2 13.41 3.12 -30.86
CA PRO B 2 13.93 4.49 -30.61
C PRO B 2 13.19 5.25 -29.50
N TYR B 3 13.93 5.86 -28.60
CA TYR B 3 13.33 6.58 -27.48
C TYR B 3 12.49 7.73 -28.00
N SER B 4 11.29 7.86 -27.47
CA SER B 4 10.45 8.99 -27.78
C SER B 4 9.80 9.49 -26.52
N PRO B 5 10.01 10.76 -26.18
CA PRO B 5 9.38 11.29 -24.98
C PRO B 5 7.88 11.15 -25.06
N LEU B 6 7.36 11.01 -26.28
CA LEU B 6 5.92 11.03 -26.52
C LEU B 6 5.20 9.69 -26.36
N GLN B 7 5.94 8.62 -26.37
CA GLN B 7 5.32 7.32 -26.26
C GLN B 7 4.79 7.16 -24.84
N ASP B 8 3.66 6.50 -24.74
CA ASP B 8 3.01 6.32 -23.45
C ASP B 8 2.46 7.60 -22.86
N LEU B 9 2.33 8.62 -23.67
CA LEU B 9 1.65 9.85 -23.28
C LEU B 9 0.34 9.96 -24.07
N PRO B 10 -0.73 10.43 -23.43
CA PRO B 10 -1.98 10.50 -24.14
C PRO B 10 -2.01 11.58 -25.17
N ALA B 11 -2.75 11.34 -26.23
CA ALA B 11 -2.91 12.30 -27.29
C ALA B 11 -3.19 13.71 -26.77
N ASP B 12 -4.11 13.86 -25.82
CA ASP B 12 -4.61 15.18 -25.42
C ASP B 12 -3.45 16.01 -24.89
N LEU B 13 -2.56 15.36 -24.18
CA LEU B 13 -1.38 16.01 -23.62
C LEU B 13 -0.36 16.43 -24.68
N ILE B 14 -0.07 15.53 -25.60
CA ILE B 14 0.81 15.82 -26.70
C ILE B 14 0.31 17.05 -27.49
N ASP B 15 -1.00 17.10 -27.69
CA ASP B 15 -1.59 18.16 -28.48
C ASP B 15 -1.45 19.48 -27.78
N ARG B 16 -1.47 19.47 -26.45
CA ARG B 16 -1.30 20.71 -25.73
C ARG B 16 0.14 21.12 -25.75
N ALA B 17 1.04 20.14 -25.66
CA ALA B 17 2.45 20.42 -25.62
C ALA B 17 2.91 21.01 -26.92
N ALA B 18 2.26 20.61 -28.01
CA ALA B 18 2.54 21.14 -29.36
C ALA B 18 2.26 22.61 -29.54
N ARG B 19 1.37 23.17 -28.71
CA ARG B 19 1.01 24.58 -28.84
C ARG B 19 1.55 25.42 -27.70
N VAL B 20 2.45 24.87 -26.93
CA VAL B 20 3.12 25.61 -25.89
C VAL B 20 4.08 26.65 -26.43
N ARG B 21 3.84 27.91 -26.05
CA ARG B 21 4.69 29.03 -26.42
C ARG B 21 5.39 29.65 -25.24
N LEU B 22 4.89 29.38 -24.05
CA LEU B 22 5.50 29.90 -22.83
C LEU B 22 5.57 28.78 -21.81
N ALA B 23 6.76 28.55 -21.28
CA ALA B 23 6.98 27.48 -20.33
C ALA B 23 7.47 28.07 -19.03
N CYS B 24 6.69 27.92 -17.96
CA CYS B 24 7.03 28.51 -16.65
C CYS B 24 7.35 27.41 -15.66
N PHE B 25 8.31 27.64 -14.79
CA PHE B 25 8.78 26.63 -13.87
C PHE B 25 8.94 27.19 -12.44
N ASP B 26 8.28 26.57 -11.47
CA ASP B 26 8.61 26.76 -10.07
C ASP B 26 10.09 26.48 -9.92
N VAL B 27 10.71 27.00 -8.88
CA VAL B 27 12.13 26.70 -8.61
C VAL B 27 12.27 25.49 -7.66
N ASP B 28 11.93 25.73 -6.39
CA ASP B 28 12.07 24.70 -5.39
C ASP B 28 11.07 23.59 -5.51
N GLY B 29 11.64 22.39 -5.56
CA GLY B 29 10.88 21.14 -5.72
C GLY B 29 10.61 20.76 -7.17
N THR B 30 10.99 21.64 -8.09
CA THR B 30 10.68 21.47 -9.50
C THR B 30 11.96 21.42 -10.33
N LEU B 31 12.80 22.47 -10.21
CA LEU B 31 14.18 22.45 -10.70
C LEU B 31 15.17 22.03 -9.62
N THR B 32 14.64 21.67 -8.45
CA THR B 32 15.41 21.40 -7.24
C THR B 32 14.74 20.20 -6.61
N ASP B 33 15.46 19.45 -5.79
CA ASP B 33 14.87 18.30 -5.07
C ASP B 33 14.12 18.73 -3.81
N GLY B 34 13.88 20.03 -3.66
CA GLY B 34 13.18 20.61 -2.52
C GLY B 34 14.09 20.98 -1.38
N ARG B 35 15.37 20.71 -1.54
CA ARG B 35 16.29 20.99 -0.46
C ARG B 35 16.80 22.45 -0.44
N LEU B 36 16.89 23.02 0.74
CA LEU B 36 17.62 24.26 1.01
C LEU B 36 18.80 24.03 1.95
N TYR B 37 20.00 24.25 1.46
CA TYR B 37 21.20 24.09 2.26
C TYR B 37 21.46 25.40 3.02
N TYR B 38 21.39 25.33 4.33
CA TYR B 38 21.65 26.46 5.20
C TYR B 38 23.05 26.32 5.77
N ASP B 39 23.84 27.37 5.63
CA ASP B 39 25.20 27.39 6.14
C ASP B 39 25.22 28.06 7.52
N HIS B 40 26.39 28.20 8.12
CA HIS B 40 26.52 28.67 9.52
C HIS B 40 25.97 30.06 9.78
N ALA B 41 25.81 30.82 8.72
CA ALA B 41 25.34 32.21 8.80
C ALA B 41 23.94 32.35 8.21
N GLY B 42 23.21 31.24 8.06
CA GLY B 42 21.87 31.27 7.49
C GLY B 42 21.78 31.49 5.97
N ASN B 43 22.93 31.69 5.31
CA ASN B 43 22.97 31.79 3.82
C ASN B 43 22.54 30.49 3.12
N GLU B 44 21.77 30.62 2.06
CA GLU B 44 21.11 29.47 1.46
C GLU B 44 21.68 29.07 0.08
N SER B 45 21.70 27.77 -0.20
CA SER B 45 22.03 27.25 -1.51
C SER B 45 20.98 26.25 -1.94
N LYS B 46 20.87 26.04 -3.23
CA LYS B 46 19.96 25.06 -3.82
C LYS B 46 20.77 24.30 -4.84
N ALA B 47 20.31 23.11 -5.18
CA ALA B 47 20.93 22.36 -6.28
C ALA B 47 20.06 22.32 -7.53
N PHE B 48 20.55 22.91 -8.62
CA PHE B 48 19.93 22.71 -9.95
C PHE B 48 20.63 21.56 -10.65
N ASN B 49 20.12 21.18 -11.80
CA ASN B 49 20.55 19.98 -12.53
C ASN B 49 20.95 20.33 -13.94
N VAL B 50 22.08 19.82 -14.42
CA VAL B 50 22.54 20.22 -15.77
C VAL B 50 21.70 19.70 -16.91
N LEU B 51 21.07 18.53 -16.75
CA LEU B 51 20.16 18.06 -17.78
C LEU B 51 18.99 19.01 -17.88
N ASP B 52 18.47 19.44 -16.74
CA ASP B 52 17.43 20.45 -16.74
C ASP B 52 17.91 21.71 -17.52
N GLY B 53 19.13 22.17 -17.25
CA GLY B 53 19.69 23.32 -17.93
C GLY B 53 19.77 23.16 -19.44
N GLN B 54 20.29 22.03 -19.90
CA GLN B 54 20.32 21.74 -21.31
C GLN B 54 18.90 21.78 -21.88
N GLY B 55 17.94 21.21 -21.19
CA GLY B 55 16.55 21.24 -21.68
C GLY B 55 15.97 22.65 -21.84
N LEU B 56 16.27 23.51 -20.88
CA LEU B 56 15.68 24.82 -20.87
C LEU B 56 16.21 25.70 -22.01
N LYS B 57 17.52 25.66 -22.24
CA LYS B 57 18.13 26.31 -23.38
C LYS B 57 17.49 25.88 -24.69
N GLN B 58 17.17 24.60 -24.79
CA GLN B 58 16.67 24.06 -26.04
C GLN B 58 15.30 24.59 -26.35
N LEU B 59 14.48 24.70 -25.30
CA LEU B 59 13.22 25.39 -25.42
C LEU B 59 13.44 26.80 -25.92
N GLU B 60 14.37 27.51 -25.30
CA GLU B 60 14.60 28.90 -25.73
C GLU B 60 15.06 28.89 -27.20
N HIS B 61 16.02 28.03 -27.50
CA HIS B 61 16.52 27.88 -28.84
C HIS B 61 15.45 27.49 -29.90
N ALA B 62 14.41 26.78 -29.48
CA ALA B 62 13.32 26.46 -30.36
C ALA B 62 12.26 27.55 -30.35
N GLY B 63 12.60 28.74 -29.85
CA GLY B 63 11.67 29.89 -29.90
C GLY B 63 10.52 29.88 -28.90
N ILE B 64 10.65 29.09 -27.84
CA ILE B 64 9.67 29.04 -26.79
C ILE B 64 10.18 29.87 -25.66
N HIS B 65 9.35 30.76 -25.13
CA HIS B 65 9.78 31.60 -24.02
C HIS B 65 9.78 30.83 -22.69
N VAL B 66 10.86 30.98 -21.91
CA VAL B 66 10.97 30.27 -20.64
C VAL B 66 11.07 31.22 -19.45
N ALA B 67 10.32 30.91 -18.39
CA ALA B 67 10.29 31.79 -17.22
C ALA B 67 10.38 30.98 -15.96
N LEU B 68 11.14 31.49 -14.98
CA LEU B 68 11.19 30.89 -13.67
C LEU B 68 10.37 31.74 -12.76
N ILE B 69 9.59 31.12 -11.88
CA ILE B 69 8.70 31.88 -11.02
C ILE B 69 8.77 31.34 -9.59
N THR B 70 9.24 32.21 -8.69
CA THR B 70 9.44 31.85 -7.29
C THR B 70 8.86 32.94 -6.38
N ALA B 71 8.33 32.51 -5.24
CA ALA B 71 7.84 33.40 -4.20
C ALA B 71 9.02 33.93 -3.39
N ARG B 72 10.07 33.12 -3.27
CA ARG B 72 11.25 33.47 -2.48
C ARG B 72 11.98 34.61 -3.20
N ALA B 73 12.68 35.44 -2.46
CA ALA B 73 13.37 36.59 -3.04
C ALA B 73 14.85 36.26 -3.21
N SER B 74 15.18 35.20 -3.95
CA SER B 74 16.56 34.66 -3.94
C SER B 74 17.40 35.09 -5.14
N LEU B 75 18.61 35.59 -4.89
CA LEU B 75 19.52 35.90 -6.00
C LEU B 75 19.96 34.64 -6.76
N SER B 76 19.92 33.50 -6.07
CA SER B 76 20.32 32.22 -6.65
C SER B 76 19.54 31.94 -7.94
N ALA B 77 18.22 32.07 -7.84
CA ALA B 77 17.33 31.81 -8.94
C ALA B 77 17.56 32.79 -10.10
N GLU B 78 17.76 34.07 -9.76
CA GLU B 78 18.09 35.05 -10.79
C GLU B 78 19.43 34.70 -11.46
N LYS B 79 20.46 34.40 -10.68
CA LYS B 79 21.75 33.99 -11.25
C LYS B 79 21.62 32.75 -12.17
N ARG B 80 20.77 31.82 -11.79
CA ARG B 80 20.50 30.64 -12.59
C ARG B 80 19.81 30.98 -13.92
N GLY B 81 18.82 31.84 -13.87
CA GLY B 81 18.18 32.35 -15.09
C GLY B 81 19.15 33.04 -16.06
N GLN B 82 20.06 33.84 -15.53
CA GLN B 82 21.07 34.49 -16.35
C GLN B 82 21.92 33.45 -17.03
N ASP B 83 22.42 32.46 -16.28
CA ASP B 83 23.32 31.43 -16.84
C ASP B 83 22.70 30.65 -17.99
N LEU B 84 21.37 30.52 -18.02
CA LEU B 84 20.69 29.81 -19.09
C LEU B 84 19.96 30.74 -20.08
N GLY B 85 19.93 32.05 -19.80
CA GLY B 85 19.27 33.03 -20.67
C GLY B 85 17.74 32.95 -20.64
N LEU B 86 17.17 32.95 -19.44
CA LEU B 86 15.72 32.90 -19.29
C LEU B 86 15.20 34.06 -18.45
N HIS B 87 13.94 34.43 -18.67
CA HIS B 87 13.26 35.44 -17.84
C HIS B 87 12.95 34.83 -16.43
N VAL B 88 13.01 35.69 -15.41
CA VAL B 88 12.83 35.32 -14.02
C VAL B 88 11.92 36.35 -13.34
N GLN B 89 11.04 35.89 -12.47
CA GLN B 89 10.18 36.77 -11.69
C GLN B 89 10.22 36.26 -10.27
N ILE B 90 10.66 37.14 -9.40
CA ILE B 90 11.02 36.76 -8.08
C ILE B 90 10.12 37.44 -7.08
N GLY B 91 9.89 36.77 -5.96
CA GLY B 91 9.08 37.32 -4.90
C GLY B 91 7.63 37.47 -5.27
N VAL B 92 7.06 36.48 -5.93
CA VAL B 92 5.72 36.59 -6.46
C VAL B 92 4.67 36.12 -5.44
N LYS B 93 3.78 37.04 -5.07
CA LYS B 93 2.71 36.78 -4.11
C LYS B 93 1.67 35.83 -4.74
N ASN B 94 1.32 36.07 -6.00
CA ASN B 94 0.41 35.17 -6.71
C ASN B 94 0.93 34.73 -8.10
N LYS B 95 1.11 33.42 -8.29
CA LYS B 95 1.75 32.92 -9.50
C LYS B 95 0.84 33.01 -10.69
N ARG B 96 -0.44 32.76 -10.48
CA ARG B 96 -1.41 32.98 -11.55
C ARG B 96 -1.25 34.38 -12.16
N LEU B 97 -1.32 35.40 -11.33
CA LEU B 97 -1.23 36.79 -11.80
C LEU B 97 0.08 37.06 -12.53
N ALA B 98 1.17 36.50 -12.03
CA ALA B 98 2.46 36.60 -12.72
C ALA B 98 2.37 35.99 -14.11
N VAL B 99 1.89 34.75 -14.19
CA VAL B 99 1.69 34.10 -15.48
C VAL B 99 0.81 34.94 -16.40
N LEU B 100 -0.34 35.37 -15.88
CA LEU B 100 -1.29 36.18 -16.64
C LEU B 100 -0.60 37.42 -17.20
N ALA B 101 0.33 38.00 -16.41
CA ALA B 101 1.05 39.18 -16.87
C ALA B 101 1.91 38.83 -18.07
N LEU B 102 2.56 37.67 -18.00
CA LEU B 102 3.44 37.19 -19.06
C LEU B 102 2.70 36.83 -20.34
N CYS B 103 1.46 36.39 -20.21
CA CYS B 103 0.63 36.17 -21.40
C CYS B 103 0.38 37.45 -22.17
N GLN B 104 0.07 38.53 -21.48
CA GLN B 104 -0.18 39.80 -22.14
C GLN B 104 1.09 40.33 -22.75
N GLU B 105 2.21 40.21 -22.03
CA GLU B 105 3.50 40.64 -22.55
C GLU B 105 3.88 40.00 -23.89
N HIS B 106 3.51 38.75 -24.07
CA HIS B 106 3.92 38.02 -25.27
C HIS B 106 2.73 37.79 -26.23
N GLY B 107 1.58 38.39 -25.91
CA GLY B 107 0.37 38.22 -26.72
C GLY B 107 -0.16 36.81 -26.79
N LEU B 108 -0.22 36.12 -25.65
CA LEU B 108 -0.60 34.70 -25.61
C LEU B 108 -1.87 34.49 -24.84
N SER B 109 -2.51 33.35 -25.06
CA SER B 109 -3.58 32.85 -24.22
C SER B 109 -3.02 31.98 -23.11
N LEU B 110 -3.82 31.73 -22.10
CA LEU B 110 -3.46 30.72 -21.08
C LEU B 110 -3.32 29.32 -21.69
N ASP B 111 -4.10 29.04 -22.74
CA ASP B 111 -4.07 27.70 -23.33
C ASP B 111 -2.76 27.45 -24.08
N GLN B 112 -1.89 28.45 -24.12
CA GLN B 112 -0.60 28.32 -24.78
C GLN B 112 0.54 28.30 -23.75
N VAL B 113 0.18 28.11 -22.49
CA VAL B 113 1.14 28.19 -21.40
C VAL B 113 1.30 26.84 -20.71
N LEU B 114 2.54 26.52 -20.37
CA LEU B 114 2.87 25.35 -19.57
C LEU B 114 3.36 25.81 -18.23
N PHE B 115 2.93 25.17 -17.16
CA PHE B 115 3.44 25.50 -15.84
C PHE B 115 3.80 24.25 -15.08
N MET B 116 4.98 24.24 -14.49
CA MET B 116 5.44 23.11 -13.72
C MET B 116 5.69 23.54 -12.29
N GLY B 117 5.01 22.90 -11.36
CA GLY B 117 5.17 23.20 -9.94
C GLY B 117 4.99 21.96 -9.10
N ASP B 118 5.28 22.06 -7.80
CA ASP B 118 5.25 20.89 -6.90
C ASP B 118 4.38 21.01 -5.66
N ASP B 119 3.97 22.24 -5.30
CA ASP B 119 3.26 22.45 -4.02
C ASP B 119 2.22 23.55 -4.11
N LEU B 120 1.51 23.75 -3.00
CA LEU B 120 0.40 24.69 -2.92
C LEU B 120 0.60 26.06 -3.57
N PRO B 121 1.75 26.76 -3.37
CA PRO B 121 1.81 28.10 -3.96
C PRO B 121 1.71 28.09 -5.50
N ASP B 122 1.98 26.94 -6.13
CA ASP B 122 1.86 26.81 -7.58
C ASP B 122 0.43 26.52 -8.07
N LEU B 123 -0.45 26.22 -7.14
CA LEU B 123 -1.76 25.69 -7.52
C LEU B 123 -2.63 26.66 -8.32
N PRO B 124 -2.60 27.95 -7.97
CA PRO B 124 -3.41 28.90 -8.74
C PRO B 124 -3.09 28.85 -10.23
N ALA B 125 -1.80 28.73 -10.51
CA ALA B 125 -1.28 28.70 -11.86
C ALA B 125 -1.54 27.34 -12.50
N LEU B 126 -1.23 26.28 -11.78
CA LEU B 126 -1.48 24.94 -12.30
C LEU B 126 -2.91 24.81 -12.78
N LEU B 127 -3.86 25.41 -12.06
CA LEU B 127 -5.28 25.29 -12.44
C LEU B 127 -5.73 26.24 -13.53
N ALA B 128 -4.90 27.22 -13.85
CA ALA B 128 -5.27 28.21 -14.84
C ALA B 128 -4.63 27.96 -16.22
N VAL B 129 -3.51 27.26 -16.29
CA VAL B 129 -2.80 27.10 -17.57
C VAL B 129 -3.27 25.95 -18.47
N GLY B 130 -2.94 26.03 -19.74
CA GLY B 130 -3.25 25.00 -20.70
C GLY B 130 -2.58 23.67 -20.37
N LEU B 131 -1.35 23.74 -19.87
CA LEU B 131 -0.60 22.53 -19.64
C LEU B 131 0.14 22.56 -18.31
N PRO B 132 -0.53 22.13 -17.25
CA PRO B 132 0.13 22.00 -15.96
C PRO B 132 0.90 20.70 -15.91
N VAL B 133 1.99 20.65 -15.17
CA VAL B 133 2.76 19.44 -15.03
C VAL B 133 3.45 19.44 -13.67
N ALA B 134 3.59 18.26 -13.09
CA ALA B 134 4.18 18.16 -11.77
C ALA B 134 5.22 17.07 -11.76
N PRO B 135 6.30 17.28 -11.01
CA PRO B 135 7.30 16.24 -10.92
C PRO B 135 6.83 15.08 -10.05
N ALA B 136 7.57 13.99 -10.08
CA ALA B 136 7.15 12.78 -9.33
C ALA B 136 7.12 13.03 -7.82
N ASN B 137 8.05 13.85 -7.31
CA ASN B 137 8.09 14.19 -5.90
C ASN B 137 7.01 15.21 -5.45
N ALA B 138 6.06 15.54 -6.31
CA ALA B 138 5.10 16.59 -5.98
C ALA B 138 4.22 16.24 -4.80
N HIS B 139 3.81 17.23 -4.01
CA HIS B 139 2.84 16.99 -2.94
C HIS B 139 1.57 16.38 -3.48
N PRO B 140 0.99 15.41 -2.77
CA PRO B 140 -0.22 14.72 -3.29
C PRO B 140 -1.38 15.65 -3.60
N TRP B 141 -1.55 16.72 -2.83
CA TRP B 141 -2.59 17.70 -3.17
C TRP B 141 -2.44 18.31 -4.56
N ILE B 142 -1.20 18.40 -5.06
CA ILE B 142 -0.92 18.95 -6.36
C ILE B 142 -0.97 17.83 -7.39
N ALA B 143 -0.29 16.72 -7.08
CA ALA B 143 -0.33 15.49 -7.91
C ALA B 143 -1.76 15.13 -8.33
N GLU B 144 -2.65 15.08 -7.36
CA GLU B 144 -4.04 14.72 -7.54
C GLU B 144 -4.82 15.72 -8.35
N ARG B 145 -4.32 16.94 -8.54
CA ARG B 145 -5.02 17.97 -9.32
C ARG B 145 -4.37 18.24 -10.70
N VAL B 146 -3.33 17.50 -11.03
CA VAL B 146 -2.64 17.65 -12.31
C VAL B 146 -2.47 16.27 -12.98
N GLN B 147 -2.84 16.14 -14.23
CA GLN B 147 -2.78 14.84 -14.90
C GLN B 147 -1.32 14.40 -15.20
N TRP B 148 -0.53 15.32 -15.72
CA TRP B 148 0.79 14.98 -16.18
C TRP B 148 1.84 15.00 -15.06
N HIS B 149 2.39 13.84 -14.75
CA HIS B 149 3.45 13.70 -13.78
C HIS B 149 4.67 13.18 -14.51
N THR B 150 5.83 13.79 -14.30
CA THR B 150 7.04 13.24 -14.88
C THR B 150 7.45 11.97 -14.13
N ARG B 151 8.14 11.08 -14.81
CA ARG B 151 8.73 9.91 -14.14
C ARG B 151 9.78 10.39 -13.19
N ALA B 152 10.58 11.38 -13.59
CA ALA B 152 11.71 11.83 -12.77
C ALA B 152 11.30 12.84 -11.71
N ARG B 153 12.16 12.94 -10.72
CA ARG B 153 11.97 13.81 -9.57
C ARG B 153 12.56 15.18 -9.84
N GLY B 154 12.02 16.16 -9.12
CA GLY B 154 12.51 17.50 -9.20
C GLY B 154 13.99 17.47 -8.88
N GLY B 155 14.78 18.18 -9.68
CA GLY B 155 16.21 18.29 -9.44
C GLY B 155 16.97 17.06 -9.88
N GLU B 156 16.26 16.13 -10.53
CA GLU B 156 16.86 14.91 -11.06
C GLU B 156 16.36 14.67 -12.48
N GLY B 157 16.17 15.75 -13.24
CA GLY B 157 15.80 15.68 -14.65
C GLY B 157 14.34 15.84 -15.00
N ALA B 158 13.49 16.15 -14.02
CA ALA B 158 12.07 16.27 -14.25
C ALA B 158 11.78 17.36 -15.27
N ALA B 159 12.49 18.45 -15.16
CA ALA B 159 12.26 19.54 -16.08
C ALA B 159 12.77 19.18 -17.48
N ARG B 160 13.88 18.48 -17.58
CA ARG B 160 14.37 18.03 -18.88
C ARG B 160 13.33 17.14 -19.50
N GLU B 161 12.76 16.27 -18.66
CA GLU B 161 11.75 15.38 -19.15
C GLU B 161 10.62 16.17 -19.80
N VAL B 162 10.24 17.29 -19.20
CA VAL B 162 9.18 18.14 -19.73
C VAL B 162 9.65 18.74 -21.03
N CYS B 163 10.84 19.33 -21.01
CA CYS B 163 11.39 19.94 -22.21
C CYS B 163 11.39 18.98 -23.38
N ASP B 164 11.86 17.77 -23.15
CA ASP B 164 11.90 16.79 -24.22
C ASP B 164 10.53 16.57 -24.85
N VAL B 165 9.50 16.51 -24.01
CA VAL B 165 8.16 16.23 -24.52
C VAL B 165 7.73 17.33 -25.46
N VAL B 166 7.93 18.56 -24.99
CA VAL B 166 7.47 19.74 -25.69
C VAL B 166 8.20 19.82 -27.02
N LEU B 167 9.51 19.74 -26.95
CA LEU B 167 10.32 19.73 -28.16
C LEU B 167 9.87 18.58 -29.09
N ALA B 168 9.62 17.39 -28.56
CA ALA B 168 9.17 16.28 -29.42
C ALA B 168 7.84 16.59 -30.07
N ALA B 169 6.93 17.16 -29.30
CA ALA B 169 5.58 17.46 -29.82
C ALA B 169 5.65 18.53 -30.87
N GLN B 170 6.69 19.36 -30.83
CA GLN B 170 6.83 20.45 -31.80
C GLN B 170 7.83 20.10 -32.90
N GLY B 171 8.10 18.82 -33.07
CA GLY B 171 8.86 18.32 -34.22
C GLY B 171 10.33 18.69 -34.23
N GLN B 172 10.86 18.97 -33.06
CA GLN B 172 12.15 19.62 -32.97
C GLN B 172 13.30 18.63 -32.83
N VAL B 173 13.01 17.33 -32.65
CA VAL B 173 14.00 16.40 -32.12
C VAL B 173 15.05 16.04 -33.14
N ASP B 174 14.60 15.57 -34.29
CA ASP B 174 15.51 15.17 -35.37
C ASP B 174 16.58 16.20 -35.65
N SER B 175 16.19 17.47 -35.64
CA SER B 175 17.15 18.53 -35.92
C SER B 175 18.03 18.82 -34.68
N ILE B 176 17.48 18.67 -33.47
CA ILE B 176 18.26 18.82 -32.24
C ILE B 176 19.42 17.81 -32.31
N ILE B 177 19.10 16.54 -32.56
CA ILE B 177 20.13 15.50 -32.71
C ILE B 177 21.13 15.76 -33.84
N ALA B 178 20.65 16.20 -34.99
CA ALA B 178 21.53 16.53 -36.11
C ALA B 178 22.51 17.67 -35.75
N ARG B 179 22.03 18.67 -35.01
CA ARG B 179 22.89 19.78 -34.61
C ARG B 179 24.03 19.29 -33.75
N PHE B 180 23.79 18.26 -32.93
CA PHE B 180 24.81 17.75 -32.01
C PHE B 180 25.63 16.54 -32.47
N SER B 181 25.41 16.07 -33.69
CA SER B 181 26.07 14.85 -34.16
C SER B 181 27.42 15.01 -34.86
N ALA B 182 27.75 16.23 -35.29
CA ALA B 182 29.01 16.50 -36.00
C ALA B 182 30.02 17.13 -35.04
N MET C 1 -10.38 9.12 -6.19
CA MET C 1 -10.37 9.08 -4.68
C MET C 1 -9.40 10.11 -4.01
N PRO C 2 -9.96 11.16 -3.37
CA PRO C 2 -9.12 12.24 -2.83
C PRO C 2 -8.07 11.76 -1.84
N TYR C 3 -6.85 12.25 -1.98
CA TYR C 3 -5.80 11.97 -1.02
C TYR C 3 -6.17 12.42 0.38
N SER C 4 -5.98 11.55 1.37
CA SER C 4 -6.22 11.90 2.75
C SER C 4 -5.09 11.45 3.60
N PRO C 5 -4.46 12.38 4.30
CA PRO C 5 -3.38 11.99 5.18
C PRO C 5 -3.86 11.02 6.25
N LEU C 6 -5.16 11.01 6.50
CA LEU C 6 -5.75 10.21 7.57
C LEU C 6 -6.07 8.76 7.24
N GLN C 7 -6.14 8.44 5.97
CA GLN C 7 -6.45 7.09 5.61
C GLN C 7 -5.27 6.22 5.97
N ASP C 8 -5.59 4.99 6.33
CA ASP C 8 -4.56 4.06 6.76
C ASP C 8 -3.91 4.43 8.08
N LEU C 9 -4.54 5.32 8.82
CA LEU C 9 -4.07 5.65 10.17
C LEU C 9 -5.10 5.21 11.18
N PRO C 10 -4.66 4.69 12.32
CA PRO C 10 -5.64 4.23 13.31
C PRO C 10 -6.37 5.35 14.02
N ALA C 11 -7.61 5.06 14.39
CA ALA C 11 -8.46 6.05 15.07
C ALA C 11 -7.77 6.73 16.24
N ASP C 12 -7.08 5.95 17.08
CA ASP C 12 -6.49 6.50 18.29
C ASP C 12 -5.53 7.64 17.95
N LEU C 13 -4.75 7.44 16.89
CA LEU C 13 -3.74 8.40 16.47
C LEU C 13 -4.38 9.68 15.95
N ILE C 14 -5.40 9.51 15.12
CA ILE C 14 -6.14 10.63 14.57
C ILE C 14 -6.74 11.48 15.69
N ASP C 15 -7.26 10.81 16.71
CA ASP C 15 -7.85 11.50 17.83
C ASP C 15 -6.82 12.31 18.59
N ARG C 16 -5.59 11.82 18.66
CA ARG C 16 -4.57 12.55 19.39
C ARG C 16 -4.15 13.71 18.55
N ALA C 17 -4.06 13.51 17.25
CA ALA C 17 -3.58 14.55 16.35
C ALA C 17 -4.56 15.70 16.33
N ALA C 18 -5.83 15.37 16.52
CA ALA C 18 -6.89 16.38 16.64
C ALA C 18 -6.76 17.32 17.84
N ARG C 19 -6.06 16.87 18.88
CA ARG C 19 -5.91 17.65 20.12
C ARG C 19 -4.53 18.30 20.30
N VAL C 20 -3.70 18.17 19.28
CA VAL C 20 -2.38 18.77 19.29
C VAL C 20 -2.42 20.29 19.24
N ARG C 21 -1.86 20.92 20.28
CA ARG C 21 -1.74 22.37 20.36
C ARG C 21 -0.26 22.85 20.27
N LEU C 22 0.67 21.93 20.50
CA LEU C 22 2.09 22.25 20.38
C LEU C 22 2.76 21.13 19.59
N ALA C 23 3.50 21.52 18.56
CA ALA C 23 4.21 20.57 17.74
C ALA C 23 5.71 20.87 17.82
N CYS C 24 6.51 19.92 18.31
CA CYS C 24 7.96 20.08 18.43
C CYS C 24 8.71 19.16 17.49
N PHE C 25 9.82 19.62 16.95
CA PHE C 25 10.56 18.87 15.95
C PHE C 25 12.06 18.88 16.20
N ASP C 26 12.65 17.69 16.28
CA ASP C 26 14.11 17.55 16.21
C ASP C 26 14.56 18.23 14.92
N VAL C 27 15.83 18.62 14.82
CA VAL C 27 16.34 19.16 13.59
C VAL C 27 16.97 18.06 12.72
N ASP C 28 18.14 17.58 13.14
CA ASP C 28 18.88 16.61 12.36
C ASP C 28 18.25 15.24 12.37
N GLY C 29 18.03 14.75 11.15
CA GLY C 29 17.42 13.48 10.90
C GLY C 29 15.91 13.52 10.85
N THR C 30 15.35 14.69 11.12
CA THR C 30 13.92 14.88 11.20
C THR C 30 13.44 15.92 10.17
N LEU C 31 14.00 17.13 10.25
CA LEU C 31 13.87 18.14 9.20
C LEU C 31 15.03 18.08 8.21
N THR C 32 15.93 17.12 8.41
CA THR C 32 17.16 16.99 7.67
C THR C 32 17.32 15.52 7.41
N ASP C 33 18.10 15.17 6.40
CA ASP C 33 18.35 13.74 6.04
C ASP C 33 19.51 13.16 6.85
N GLY C 34 19.84 13.84 7.96
CA GLY C 34 20.88 13.44 8.87
C GLY C 34 22.28 13.96 8.53
N ARG C 35 22.39 14.61 7.38
CA ARG C 35 23.69 14.98 6.89
C ARG C 35 24.20 16.33 7.43
N LEU C 36 25.50 16.38 7.76
CA LEU C 36 26.21 17.62 8.05
C LEU C 36 27.33 17.86 7.04
N TYR C 37 27.19 18.94 6.28
CA TYR C 37 28.16 19.30 5.29
C TYR C 37 29.24 20.15 5.97
N TYR C 38 30.45 19.60 6.01
CA TYR C 38 31.60 20.26 6.61
C TYR C 38 32.46 20.83 5.49
N ASP C 39 32.80 22.10 5.62
CA ASP C 39 33.67 22.75 4.64
C ASP C 39 35.12 22.72 5.15
N HIS C 40 36.06 23.28 4.40
CA HIS C 40 37.49 23.10 4.71
C HIS C 40 37.92 23.73 6.05
N ALA C 41 37.07 24.58 6.62
CA ALA C 41 37.35 25.27 7.86
C ALA C 41 36.46 24.75 8.99
N GLY C 42 35.84 23.60 8.79
CA GLY C 42 34.94 23.03 9.79
C GLY C 42 33.56 23.69 9.94
N ASN C 43 33.30 24.75 9.19
CA ASN C 43 31.94 25.34 9.14
C ASN C 43 30.88 24.38 8.57
N GLU C 44 29.71 24.36 9.21
CA GLU C 44 28.69 23.35 8.90
C GLU C 44 27.46 23.89 8.14
N SER C 45 26.87 23.04 7.28
CA SER C 45 25.58 23.31 6.67
C SER C 45 24.68 22.10 6.78
N LYS C 46 23.37 22.35 6.70
CA LYS C 46 22.37 21.27 6.74
C LYS C 46 21.38 21.56 5.64
N ALA C 47 20.63 20.57 5.20
CA ALA C 47 19.60 20.78 4.20
C ALA C 47 18.22 20.60 4.77
N PHE C 48 17.45 21.68 4.79
CA PHE C 48 16.01 21.61 5.08
C PHE C 48 15.23 21.47 3.77
N ASN C 49 13.92 21.28 3.87
CA ASN C 49 13.04 20.91 2.75
C ASN C 49 11.86 21.85 2.63
N VAL C 50 11.55 22.32 1.42
CA VAL C 50 10.52 23.38 1.30
C VAL C 50 9.13 22.88 1.57
N LEU C 51 8.86 21.61 1.31
CA LEU C 51 7.56 21.04 1.66
C LEU C 51 7.40 21.05 3.17
N ASP C 52 8.48 20.69 3.86
CA ASP C 52 8.45 20.76 5.32
C ASP C 52 8.15 22.20 5.78
N GLY C 53 8.83 23.17 5.18
CA GLY C 53 8.56 24.58 5.47
C GLY C 53 7.12 25.05 5.28
N GLN C 54 6.55 24.73 4.12
CA GLN C 54 5.15 25.01 3.88
C GLN C 54 4.29 24.35 4.95
N GLY C 55 4.57 23.10 5.30
CA GLY C 55 3.80 22.45 6.36
C GLY C 55 3.84 23.17 7.71
N LEU C 56 5.02 23.63 8.08
CA LEU C 56 5.20 24.20 9.41
C LEU C 56 4.47 25.53 9.55
N LYS C 57 4.56 26.37 8.52
CA LYS C 57 3.81 27.60 8.47
C LYS C 57 2.31 27.35 8.62
N GLN C 58 1.82 26.26 8.04
CA GLN C 58 0.39 25.97 8.01
C GLN C 58 -0.12 25.57 9.37
N LEU C 59 0.69 24.81 10.08
CA LEU C 59 0.44 24.60 11.49
C LEU C 59 0.35 25.94 12.24
N GLU C 60 1.33 26.82 12.04
CA GLU C 60 1.33 28.07 12.76
C GLU C 60 0.07 28.85 12.35
N HIS C 61 -0.19 28.92 11.06
CA HIS C 61 -1.39 29.60 10.53
C HIS C 61 -2.70 29.03 11.07
N ALA C 62 -2.71 27.75 11.43
CA ALA C 62 -3.90 27.13 12.00
C ALA C 62 -3.91 27.26 13.50
N GLY C 63 -3.06 28.14 14.05
CA GLY C 63 -3.07 28.40 15.49
C GLY C 63 -2.43 27.36 16.37
N ILE C 64 -1.59 26.51 15.79
CA ILE C 64 -0.84 25.51 16.55
C ILE C 64 0.56 26.06 16.76
N HIS C 65 1.07 26.01 17.99
CA HIS C 65 2.43 26.48 18.25
C HIS C 65 3.49 25.49 17.76
N VAL C 66 4.51 26.00 17.07
CA VAL C 66 5.58 25.14 16.55
C VAL C 66 6.96 25.47 17.14
N ALA C 67 7.71 24.43 17.48
CA ALA C 67 9.01 24.62 18.07
C ALA C 67 10.02 23.68 17.47
N LEU C 68 11.24 24.16 17.27
CA LEU C 68 12.37 23.32 16.91
C LEU C 68 13.23 23.11 18.13
N ILE C 69 13.71 21.89 18.33
CA ILE C 69 14.50 21.56 19.51
C ILE C 69 15.73 20.74 19.13
N THR C 70 16.90 21.32 19.35
CA THR C 70 18.17 20.71 18.99
C THR C 70 19.17 20.78 20.17
N ALA C 71 19.99 19.74 20.29
CA ALA C 71 21.10 19.72 21.24
C ALA C 71 22.28 20.54 20.72
N ARG C 72 22.43 20.60 19.39
CA ARG C 72 23.54 21.33 18.75
C ARG C 72 23.33 22.81 18.98
N ALA C 73 24.41 23.57 19.02
CA ALA C 73 24.32 25.00 19.24
C ALA C 73 24.46 25.74 17.91
N SER C 74 23.57 25.48 16.96
CA SER C 74 23.76 25.98 15.57
C SER C 74 22.95 27.24 15.21
N LEU C 75 23.60 28.25 14.63
CA LEU C 75 22.90 29.42 14.09
C LEU C 75 21.98 29.05 12.89
N SER C 76 22.31 27.94 12.18
CA SER C 76 21.49 27.40 11.08
C SER C 76 20.04 27.24 11.47
N ALA C 77 19.84 26.52 12.56
CA ALA C 77 18.52 26.16 13.04
C ALA C 77 17.73 27.39 13.47
N GLU C 78 18.42 28.29 14.15
CA GLU C 78 17.83 29.55 14.54
C GLU C 78 17.41 30.33 13.29
N LYS C 79 18.31 30.51 12.32
CA LYS C 79 17.93 31.21 11.07
C LYS C 79 16.73 30.56 10.37
N ARG C 80 16.65 29.23 10.41
CA ARG C 80 15.55 28.48 9.82
C ARG C 80 14.22 28.73 10.51
N GLY C 81 14.25 28.74 11.83
CA GLY C 81 13.08 29.12 12.61
C GLY C 81 12.58 30.52 12.29
N GLN C 82 13.50 31.45 12.15
CA GLN C 82 13.13 32.83 11.86
C GLN C 82 12.44 32.90 10.52
N ASP C 83 13.02 32.26 9.51
CA ASP C 83 12.45 32.29 8.16
C ASP C 83 11.01 31.80 8.10
N LEU C 84 10.65 30.88 8.98
CA LEU C 84 9.31 30.30 8.97
C LEU C 84 8.40 30.88 10.07
N GLY C 85 8.98 31.67 10.98
CA GLY C 85 8.25 32.22 12.11
C GLY C 85 7.87 31.17 13.16
N LEU C 86 8.86 30.42 13.63
CA LEU C 86 8.67 29.40 14.65
C LEU C 86 9.65 29.61 15.85
N HIS C 87 9.23 29.21 17.06
CA HIS C 87 10.11 29.22 18.24
C HIS C 87 11.21 28.16 18.08
N VAL C 88 12.37 28.45 18.67
CA VAL C 88 13.55 27.58 18.61
C VAL C 88 14.21 27.53 19.99
N GLN C 89 14.70 26.36 20.37
CA GLN C 89 15.43 26.17 21.62
C GLN C 89 16.66 25.33 21.29
N ILE C 90 17.81 25.91 21.59
CA ILE C 90 19.06 25.40 21.05
C ILE C 90 19.96 24.95 22.21
N GLY C 91 20.79 23.95 21.93
CA GLY C 91 21.76 23.46 22.89
C GLY C 91 21.14 22.78 24.08
N VAL C 92 20.10 21.98 23.85
CA VAL C 92 19.41 21.41 24.99
C VAL C 92 20.05 20.11 25.47
N LYS C 93 20.36 20.06 26.76
CA LYS C 93 20.85 18.84 27.39
C LYS C 93 19.71 17.80 27.46
N ASN C 94 18.50 18.21 27.83
CA ASN C 94 17.37 17.29 27.92
C ASN C 94 16.09 17.79 27.24
N LYS C 95 15.62 17.03 26.25
CA LYS C 95 14.52 17.49 25.43
C LYS C 95 13.18 17.41 26.14
N ARG C 96 13.00 16.37 26.97
CA ARG C 96 11.82 16.30 27.82
C ARG C 96 11.64 17.60 28.60
N LEU C 97 12.67 18.00 29.34
CA LEU C 97 12.59 19.20 30.17
C LEU C 97 12.26 20.42 29.32
N ALA C 98 12.84 20.51 28.13
CA ALA C 98 12.55 21.63 27.24
C ALA C 98 11.08 21.64 26.89
N VAL C 99 10.58 20.49 26.42
CA VAL C 99 9.15 20.35 26.11
C VAL C 99 8.27 20.70 27.31
N LEU C 100 8.60 20.15 28.48
CA LEU C 100 7.88 20.45 29.71
C LEU C 100 7.83 21.95 30.00
N ALA C 101 8.92 22.65 29.70
CA ALA C 101 8.98 24.08 29.93
C ALA C 101 7.99 24.78 29.03
N LEU C 102 7.91 24.31 27.78
CA LEU C 102 7.01 24.87 26.78
C LEU C 102 5.55 24.60 27.08
N CYS C 103 5.26 23.47 27.70
CA CYS C 103 3.90 23.23 28.18
C CYS C 103 3.43 24.27 29.17
N GLN C 104 4.30 24.59 30.13
CA GLN C 104 3.96 25.57 31.14
C GLN C 104 3.81 26.97 30.52
N GLU C 105 4.73 27.33 29.62
CA GLU C 105 4.67 28.65 28.96
C GLU C 105 3.35 28.83 28.17
N HIS C 106 2.76 27.76 27.61
CA HIS C 106 1.52 27.90 26.82
C HIS C 106 0.30 27.34 27.53
N GLY C 107 0.46 26.95 28.79
CA GLY C 107 -0.64 26.39 29.59
C GLY C 107 -1.18 25.07 29.06
N LEU C 108 -0.30 24.15 28.70
CA LEU C 108 -0.71 22.90 28.06
C LEU C 108 -0.32 21.68 28.88
N SER C 109 -0.97 20.56 28.59
CA SER C 109 -0.55 19.24 29.12
C SER C 109 0.40 18.60 28.13
N LEU C 110 1.11 17.58 28.59
CA LEU C 110 1.89 16.74 27.68
C LEU C 110 1.00 16.01 26.67
N ASP C 111 -0.24 15.69 27.06
CA ASP C 111 -1.12 14.97 26.15
C ASP C 111 -1.59 15.85 24.98
N GLN C 112 -1.21 17.12 24.98
CA GLN C 112 -1.55 18.03 23.88
C GLN C 112 -0.34 18.35 23.02
N VAL C 113 0.71 17.56 23.17
CA VAL C 113 1.99 17.85 22.53
C VAL C 113 2.37 16.74 21.56
N LEU C 114 2.89 17.16 20.41
CA LEU C 114 3.43 16.26 19.44
C LEU C 114 4.91 16.45 19.40
N PHE C 115 5.68 15.36 19.32
CA PHE C 115 7.12 15.44 19.16
C PHE C 115 7.59 14.53 18.06
N MET C 116 8.44 15.06 17.21
CA MET C 116 9.02 14.27 16.15
C MET C 116 10.54 14.24 16.27
N GLY C 117 11.11 13.05 16.35
CA GLY C 117 12.56 12.88 16.44
C GLY C 117 13.02 11.61 15.79
N ASP C 118 14.33 11.42 15.66
CA ASP C 118 14.88 10.27 14.92
C ASP C 118 15.88 9.39 15.68
N ASP C 119 16.42 9.87 16.79
CA ASP C 119 17.50 9.16 17.49
C ASP C 119 17.45 9.35 19.03
N LEU C 120 18.38 8.69 19.71
CA LEU C 120 18.42 8.64 21.17
C LEU C 120 18.18 9.94 21.93
N PRO C 121 18.78 11.06 21.50
CA PRO C 121 18.57 12.24 22.35
C PRO C 121 17.10 12.68 22.40
N ASP C 122 16.30 12.26 21.41
CA ASP C 122 14.86 12.59 21.37
C ASP C 122 14.01 11.67 22.28
N LEU C 123 14.60 10.60 22.76
CA LEU C 123 13.81 9.55 23.38
C LEU C 123 13.09 9.95 24.65
N PRO C 124 13.72 10.77 25.49
CA PRO C 124 13.02 11.21 26.69
C PRO C 124 11.68 11.90 26.38
N ALA C 125 11.69 12.73 25.33
CA ALA C 125 10.52 13.46 24.89
C ALA C 125 9.56 12.55 24.17
N LEU C 126 10.07 11.75 23.26
CA LEU C 126 9.19 10.81 22.56
C LEU C 126 8.36 9.98 23.56
N LEU C 127 8.96 9.57 24.66
CA LEU C 127 8.24 8.74 25.63
C LEU C 127 7.32 9.52 26.56
N ALA C 128 7.43 10.84 26.58
CA ALA C 128 6.66 11.67 27.49
C ALA C 128 5.45 12.34 26.82
N VAL C 129 5.48 12.56 25.50
CA VAL C 129 4.41 13.32 24.87
C VAL C 129 3.16 12.53 24.48
N GLY C 130 2.07 13.24 24.28
CA GLY C 130 0.83 12.64 23.81
C GLY C 130 0.98 12.00 22.44
N LEU C 131 1.75 12.63 21.55
CA LEU C 131 1.86 12.14 20.21
C LEU C 131 3.29 12.16 19.69
N PRO C 132 4.03 11.07 19.92
CA PRO C 132 5.36 10.96 19.36
C PRO C 132 5.29 10.46 17.93
N VAL C 133 6.24 10.86 17.10
CA VAL C 133 6.33 10.40 15.75
C VAL C 133 7.76 10.30 15.33
N ALA C 134 8.03 9.39 14.42
CA ALA C 134 9.37 9.27 13.88
C ALA C 134 9.36 9.14 12.37
N PRO C 135 10.34 9.74 11.70
CA PRO C 135 10.41 9.55 10.27
C PRO C 135 10.81 8.12 9.88
N ALA C 136 10.73 7.80 8.60
CA ALA C 136 11.06 6.45 8.12
C ALA C 136 12.53 6.08 8.31
N ASN C 137 13.42 7.07 8.16
CA ASN C 137 14.85 6.83 8.40
C ASN C 137 15.25 6.71 9.86
N ALA C 138 14.31 6.69 10.80
CA ALA C 138 14.65 6.77 12.20
C ALA C 138 15.49 5.57 12.64
N HIS C 139 16.40 5.77 13.59
CA HIS C 139 17.12 4.65 14.19
C HIS C 139 16.15 3.62 14.74
N PRO C 140 16.42 2.33 14.53
CA PRO C 140 15.51 1.26 15.01
C PRO C 140 15.18 1.32 16.50
N TRP C 141 16.12 1.72 17.33
CA TRP C 141 15.80 1.90 18.75
C TRP C 141 14.69 2.89 19.04
N ILE C 142 14.52 3.89 18.17
CA ILE C 142 13.48 4.89 18.29
C ILE C 142 12.23 4.39 17.59
N ALA C 143 12.41 3.94 16.34
CA ALA C 143 11.32 3.32 15.58
C ALA C 143 10.51 2.32 16.43
N GLU C 144 11.21 1.38 17.05
CA GLU C 144 10.64 0.35 17.93
C GLU C 144 9.80 0.89 19.06
N ARG C 145 10.08 2.13 19.47
CA ARG C 145 9.47 2.69 20.68
C ARG C 145 8.41 3.76 20.37
N VAL C 146 8.15 3.98 19.07
CA VAL C 146 7.13 4.92 18.65
C VAL C 146 6.24 4.26 17.62
N GLN C 147 4.92 4.36 17.79
CA GLN C 147 3.97 3.71 16.89
C GLN C 147 3.93 4.39 15.47
N TRP C 148 3.87 5.71 15.46
CA TRP C 148 3.64 6.44 14.22
C TRP C 148 4.94 6.73 13.48
N HIS C 149 5.09 6.12 12.30
CA HIS C 149 6.21 6.34 11.44
C HIS C 149 5.68 6.95 10.16
N THR C 150 6.30 8.04 9.68
CA THR C 150 5.95 8.59 8.42
C THR C 150 6.45 7.70 7.29
N ARG C 151 5.76 7.72 6.17
CA ARG C 151 6.24 7.03 5.00
C ARG C 151 7.52 7.69 4.53
N ALA C 152 7.56 9.02 4.56
CA ALA C 152 8.71 9.75 4.02
C ALA C 152 9.85 9.87 5.01
N ARG C 153 11.00 10.15 4.44
CA ARG C 153 12.26 10.26 5.18
C ARG C 153 12.49 11.69 5.64
N GLY C 154 13.27 11.81 6.71
CA GLY C 154 13.64 13.10 7.23
C GLY C 154 14.31 13.87 6.12
N GLY C 155 13.91 15.13 5.99
CA GLY C 155 14.52 16.00 4.99
C GLY C 155 13.99 15.73 3.58
N GLU C 156 13.00 14.84 3.50
CA GLU C 156 12.33 14.50 2.25
C GLU C 156 10.80 14.52 2.44
N GLY C 157 10.30 15.44 3.26
CA GLY C 157 8.88 15.64 3.44
C GLY C 157 8.24 14.93 4.61
N ALA C 158 9.05 14.30 5.47
CA ALA C 158 8.50 13.63 6.64
C ALA C 158 7.72 14.59 7.55
N ALA C 159 8.26 15.78 7.76
CA ALA C 159 7.60 16.73 8.63
C ALA C 159 6.33 17.28 7.99
N ARG C 160 6.34 17.49 6.68
CA ARG C 160 5.13 17.88 6.01
C ARG C 160 4.09 16.79 6.22
N GLU C 161 4.52 15.54 6.07
CA GLU C 161 3.59 14.44 6.21
C GLU C 161 2.92 14.48 7.59
N VAL C 162 3.66 14.87 8.60
CA VAL C 162 3.09 15.04 9.93
C VAL C 162 2.13 16.23 9.97
N CYS C 163 2.59 17.37 9.52
CA CYS C 163 1.74 18.53 9.45
C CYS C 163 0.40 18.18 8.76
N ASP C 164 0.45 17.50 7.63
CA ASP C 164 -0.78 17.21 6.90
C ASP C 164 -1.77 16.43 7.76
N VAL C 165 -1.26 15.47 8.51
CA VAL C 165 -2.11 14.63 9.32
C VAL C 165 -2.82 15.50 10.37
N VAL C 166 -2.05 16.35 11.04
CA VAL C 166 -2.55 17.16 12.14
C VAL C 166 -3.60 18.10 11.62
N LEU C 167 -3.25 18.82 10.58
CA LEU C 167 -4.19 19.70 9.92
C LEU C 167 -5.45 18.91 9.54
N ALA C 168 -5.30 17.73 8.95
CA ALA C 168 -6.48 16.96 8.48
C ALA C 168 -7.34 16.58 9.67
N ALA C 169 -6.70 16.15 10.73
CA ALA C 169 -7.44 15.74 11.92
C ALA C 169 -8.14 16.93 12.56
N GLN C 170 -7.65 18.14 12.32
CA GLN C 170 -8.26 19.35 12.89
C GLN C 170 -9.16 20.10 11.89
N GLY C 171 -9.59 19.40 10.84
CA GLY C 171 -10.58 19.89 9.92
C GLY C 171 -10.12 21.07 9.06
N GLN C 172 -8.83 21.19 8.86
CA GLN C 172 -8.27 22.39 8.31
C GLN C 172 -8.07 22.31 6.78
N VAL C 173 -8.31 21.14 6.19
CA VAL C 173 -7.80 20.87 4.83
C VAL C 173 -8.61 21.60 3.76
N ASP C 174 -9.92 21.38 3.77
CA ASP C 174 -10.80 21.99 2.79
C ASP C 174 -10.53 23.46 2.64
N SER C 175 -10.30 24.15 3.74
CA SER C 175 -10.09 25.57 3.67
C SER C 175 -8.67 25.88 3.19
N ILE C 176 -7.71 25.03 3.53
CA ILE C 176 -6.35 25.22 3.03
C ILE C 176 -6.36 25.18 1.53
N ILE C 177 -6.97 24.15 0.97
CA ILE C 177 -7.12 24.03 -0.48
C ILE C 177 -7.87 25.20 -1.11
N ALA C 178 -8.94 25.64 -0.48
CA ALA C 178 -9.70 26.79 -0.99
C ALA C 178 -8.84 28.07 -1.02
N ARG C 179 -8.01 28.27 0.00
CA ARG C 179 -7.10 29.42 0.04
C ARG C 179 -6.15 29.42 -1.16
N PHE C 180 -5.70 28.24 -1.58
CA PHE C 180 -4.70 28.12 -2.66
C PHE C 180 -5.24 27.82 -4.07
N SER C 181 -6.56 27.76 -4.25
CA SER C 181 -7.17 27.54 -5.59
C SER C 181 -7.24 28.81 -6.48
N MET D 1 27.44 -19.11 7.48
CA MET D 1 26.50 -18.99 8.65
C MET D 1 25.35 -20.03 8.59
N PRO D 2 25.40 -21.07 9.44
CA PRO D 2 24.45 -22.19 9.33
C PRO D 2 22.98 -21.78 9.41
N TYR D 3 22.16 -22.29 8.50
CA TYR D 3 20.73 -22.07 8.53
C TYR D 3 20.12 -22.64 9.81
N SER D 4 19.31 -21.84 10.48
CA SER D 4 18.63 -22.31 11.67
C SER D 4 17.22 -21.88 11.63
N PRO D 5 16.30 -22.85 11.65
CA PRO D 5 14.91 -22.46 11.62
C PRO D 5 14.56 -21.52 12.78
N LEU D 6 15.38 -21.54 13.84
CA LEU D 6 15.09 -20.82 15.07
C LEU D 6 15.55 -19.38 15.14
N GLN D 7 16.45 -18.95 14.28
CA GLN D 7 16.87 -17.54 14.38
C GLN D 7 15.73 -16.68 13.80
N ASP D 8 15.65 -15.47 14.33
CA ASP D 8 14.57 -14.56 14.01
C ASP D 8 13.23 -15.01 14.57
N LEU D 9 13.24 -15.96 15.49
CA LEU D 9 12.03 -16.39 16.17
C LEU D 9 12.13 -16.01 17.63
N PRO D 10 11.04 -15.54 18.22
CA PRO D 10 11.12 -15.16 19.64
C PRO D 10 11.26 -16.34 20.58
N ALA D 11 11.98 -16.13 21.67
CA ALA D 11 12.18 -17.15 22.68
C ALA D 11 10.88 -17.85 23.07
N ASP D 12 9.82 -17.09 23.28
CA ASP D 12 8.58 -17.67 23.76
C ASP D 12 8.06 -18.78 22.83
N LEU D 13 8.17 -18.52 21.55
CA LEU D 13 7.68 -19.43 20.54
C LEU D 13 8.51 -20.70 20.51
N ILE D 14 9.82 -20.50 20.56
CA ILE D 14 10.75 -21.61 20.59
C ILE D 14 10.44 -22.53 21.77
N ASP D 15 10.16 -21.90 22.92
CA ASP D 15 9.88 -22.65 24.12
C ASP D 15 8.58 -23.46 24.01
N ARG D 16 7.60 -22.92 23.29
CA ARG D 16 6.37 -23.66 23.08
C ARG D 16 6.62 -24.81 22.10
N ALA D 17 7.43 -24.55 21.08
CA ALA D 17 7.70 -25.53 20.05
C ALA D 17 8.45 -26.71 20.65
N ALA D 18 9.28 -26.42 21.66
CA ALA D 18 10.03 -27.45 22.38
C ALA D 18 9.17 -28.44 23.14
N ARG D 19 7.95 -28.04 23.48
CA ARG D 19 7.05 -28.87 24.28
C ARG D 19 5.90 -29.48 23.46
N VAL D 20 5.96 -29.31 22.15
CA VAL D 20 4.96 -29.88 21.26
C VAL D 20 5.06 -31.40 21.17
N ARG D 21 3.96 -32.07 21.53
CA ARG D 21 3.85 -33.51 21.45
C ARG D 21 2.85 -33.95 20.39
N LEU D 22 1.97 -33.03 19.97
CA LEU D 22 0.97 -33.33 18.96
C LEU D 22 0.93 -32.18 17.98
N ALA D 23 1.06 -32.51 16.70
CA ALA D 23 1.06 -31.50 15.66
C ALA D 23 -0.08 -31.78 14.72
N CYS D 24 -1.01 -30.83 14.60
CA CYS D 24 -2.19 -30.98 13.75
C CYS D 24 -2.16 -30.00 12.61
N PHE D 25 -2.65 -30.42 11.46
CA PHE D 25 -2.57 -29.62 10.27
C PHE D 25 -3.88 -29.61 9.51
N ASP D 26 -4.42 -28.43 9.22
CA ASP D 26 -5.43 -28.26 8.20
C ASP D 26 -4.90 -28.85 6.90
N VAL D 27 -5.78 -29.20 5.98
CA VAL D 27 -5.35 -29.71 4.69
C VAL D 27 -5.27 -28.58 3.66
N ASP D 28 -6.43 -28.09 3.25
CA ASP D 28 -6.52 -27.07 2.20
C ASP D 28 -6.07 -25.72 2.66
N GLY D 29 -5.12 -25.20 1.92
CA GLY D 29 -4.49 -23.91 2.19
C GLY D 29 -3.32 -23.97 3.14
N THR D 30 -3.05 -25.16 3.69
CA THR D 30 -2.02 -25.36 4.70
C THR D 30 -0.98 -26.36 4.19
N LEU D 31 -1.44 -27.56 3.81
CA LEU D 31 -0.62 -28.52 3.05
C LEU D 31 -0.85 -28.42 1.54
N THR D 32 -1.66 -27.45 1.16
CA THR D 32 -2.12 -27.28 -0.21
C THR D 32 -2.10 -25.78 -0.44
N ASP D 33 -2.04 -25.36 -1.70
CA ASP D 33 -2.02 -23.93 -2.07
C ASP D 33 -3.44 -23.38 -2.19
N GLY D 34 -4.39 -24.13 -1.63
CA GLY D 34 -5.77 -23.75 -1.59
C GLY D 34 -6.59 -24.20 -2.77
N ARG D 35 -5.92 -24.80 -3.74
CA ARG D 35 -6.57 -25.14 -4.99
C ARG D 35 -7.26 -26.50 -4.97
N LEU D 36 -8.44 -26.52 -5.57
CA LEU D 36 -9.20 -27.73 -5.81
C LEU D 36 -9.42 -27.90 -7.30
N TYR D 37 -8.85 -28.97 -7.84
CA TYR D 37 -9.00 -29.29 -9.24
C TYR D 37 -10.29 -30.11 -9.40
N TYR D 38 -11.25 -29.54 -10.12
CA TYR D 38 -12.51 -30.19 -10.40
C TYR D 38 -12.50 -30.72 -11.82
N ASP D 39 -12.88 -31.98 -11.94
CA ASP D 39 -12.91 -32.68 -13.22
C ASP D 39 -14.36 -32.67 -13.76
N HIS D 40 -14.60 -33.18 -14.96
CA HIS D 40 -15.92 -32.99 -15.62
C HIS D 40 -17.10 -33.65 -14.88
N ALA D 41 -16.79 -34.53 -13.93
CA ALA D 41 -17.78 -35.23 -13.12
C ALA D 41 -17.75 -34.74 -11.68
N GLY D 42 -17.16 -33.57 -11.43
CA GLY D 42 -17.11 -33.02 -10.08
C GLY D 42 -16.13 -33.67 -9.13
N ASN D 43 -15.44 -34.73 -9.56
CA ASN D 43 -14.35 -35.33 -8.79
C ASN D 43 -13.19 -34.35 -8.52
N GLU D 44 -12.67 -34.37 -7.30
CA GLU D 44 -11.70 -33.38 -6.86
C GLU D 44 -10.26 -33.94 -6.69
N SER D 45 -9.26 -33.10 -6.98
CA SER D 45 -7.87 -33.40 -6.67
C SER D 45 -7.23 -32.22 -5.96
N LYS D 46 -6.18 -32.49 -5.19
CA LYS D 46 -5.44 -31.47 -4.48
C LYS D 46 -3.97 -31.76 -4.71
N ALA D 47 -3.13 -30.73 -4.53
CA ALA D 47 -1.71 -30.93 -4.58
C ALA D 47 -1.06 -30.80 -3.20
N PHE D 48 -0.42 -31.86 -2.73
CA PHE D 48 0.49 -31.79 -1.58
C PHE D 48 1.90 -31.56 -2.06
N ASN D 49 2.83 -31.40 -1.11
CA ASN D 49 4.24 -31.02 -1.37
C ASN D 49 5.22 -31.99 -0.73
N VAL D 50 6.25 -32.45 -1.45
CA VAL D 50 7.13 -33.47 -0.89
C VAL D 50 8.00 -32.98 0.25
N LEU D 51 8.37 -31.70 0.26
CA LEU D 51 9.12 -31.18 1.40
C LEU D 51 8.25 -31.24 2.64
N ASP D 52 6.99 -30.90 2.49
CA ASP D 52 6.04 -31.04 3.59
C ASP D 52 6.00 -32.50 4.07
N GLY D 53 5.92 -33.44 3.12
CA GLY D 53 5.94 -34.88 3.44
C GLY D 53 7.16 -35.32 4.21
N GLN D 54 8.33 -34.91 3.75
CA GLN D 54 9.56 -35.23 4.45
C GLN D 54 9.51 -34.65 5.86
N GLY D 55 9.03 -33.43 6.01
CA GLY D 55 8.93 -32.84 7.35
C GLY D 55 8.02 -33.61 8.29
N LEU D 56 6.90 -34.08 7.77
CA LEU D 56 5.92 -34.73 8.62
C LEU D 56 6.39 -36.09 9.15
N LYS D 57 7.01 -36.87 8.28
CA LYS D 57 7.66 -38.12 8.66
C LYS D 57 8.69 -37.90 9.77
N GLN D 58 9.41 -36.79 9.68
CA GLN D 58 10.48 -36.52 10.64
C GLN D 58 9.95 -36.20 12.01
N LEU D 59 8.83 -35.47 12.04
CA LEU D 59 8.08 -35.30 13.28
C LEU D 59 7.69 -36.67 13.83
N GLU D 60 7.13 -37.53 12.99
CA GLU D 60 6.69 -38.83 13.49
C GLU D 60 7.93 -39.60 13.98
N HIS D 61 8.99 -39.59 13.18
CA HIS D 61 10.27 -40.24 13.55
C HIS D 61 10.88 -39.73 14.85
N ALA D 62 10.60 -38.46 15.18
CA ALA D 62 11.09 -37.90 16.41
C ALA D 62 10.10 -38.12 17.55
N GLY D 63 9.13 -39.01 17.35
CA GLY D 63 8.18 -39.34 18.41
C GLY D 63 7.08 -38.33 18.69
N ILE D 64 6.82 -37.43 17.75
CA ILE D 64 5.75 -36.46 17.88
C ILE D 64 4.58 -36.98 17.09
N HIS D 65 3.39 -36.96 17.66
CA HIS D 65 2.23 -37.46 16.96
C HIS D 65 1.77 -36.41 15.93
N VAL D 66 1.45 -36.88 14.74
CA VAL D 66 0.96 -35.99 13.69
C VAL D 66 -0.48 -36.32 13.24
N ALA D 67 -1.30 -35.29 13.07
CA ALA D 67 -2.67 -35.49 12.64
C ALA D 67 -3.06 -34.50 11.58
N LEU D 68 -3.83 -34.96 10.61
CA LEU D 68 -4.45 -34.08 9.62
C LEU D 68 -5.92 -33.91 9.98
N ILE D 69 -6.44 -32.70 9.86
CA ILE D 69 -7.82 -32.43 10.23
C ILE D 69 -8.50 -31.57 9.18
N THR D 70 -9.53 -32.15 8.56
CA THR D 70 -10.26 -31.51 7.47
C THR D 70 -11.77 -31.64 7.70
N ALA D 71 -12.51 -30.61 7.30
CA ALA D 71 -13.98 -30.61 7.30
C ALA D 71 -14.51 -31.40 6.10
N ARG D 72 -13.76 -31.40 4.99
CA ARG D 72 -14.15 -32.10 3.77
C ARG D 72 -14.11 -33.59 4.02
N ALA D 73 -14.95 -34.34 3.31
CA ALA D 73 -14.99 -35.78 3.48
C ALA D 73 -14.20 -36.44 2.35
N SER D 74 -12.90 -36.13 2.23
CA SER D 74 -12.12 -36.54 1.06
C SER D 74 -11.24 -37.78 1.26
N LEU D 75 -11.32 -38.76 0.36
CA LEU D 75 -10.41 -39.91 0.38
C LEU D 75 -8.95 -39.47 0.09
N SER D 76 -8.77 -38.32 -0.59
CA SER D 76 -7.44 -37.75 -0.89
C SER D 76 -6.61 -37.65 0.35
N ALA D 77 -7.17 -36.97 1.33
CA ALA D 77 -6.48 -36.64 2.57
C ALA D 77 -6.15 -37.89 3.36
N GLU D 78 -7.10 -38.82 3.38
CA GLU D 78 -6.86 -40.11 3.99
C GLU D 78 -5.69 -40.84 3.29
N LYS D 79 -5.75 -40.96 1.96
CA LYS D 79 -4.65 -41.62 1.22
C LYS D 79 -3.30 -40.98 1.53
N ARG D 80 -3.29 -39.65 1.65
CA ARG D 80 -2.08 -38.89 1.97
C ARG D 80 -1.53 -39.22 3.35
N GLY D 81 -2.41 -39.28 4.33
CA GLY D 81 -2.03 -39.70 5.68
C GLY D 81 -1.45 -41.10 5.73
N GLN D 82 -2.04 -42.02 4.98
CA GLN D 82 -1.53 -43.38 4.91
C GLN D 82 -0.11 -43.38 4.34
N ASP D 83 0.11 -42.67 3.23
CA ASP D 83 1.43 -42.65 2.59
C ASP D 83 2.54 -42.15 3.50
N LEU D 84 2.21 -41.28 4.46
CA LEU D 84 3.22 -40.73 5.36
C LEU D 84 3.18 -41.35 6.75
N GLY D 85 2.16 -42.16 7.04
CA GLY D 85 1.99 -42.80 8.34
C GLY D 85 1.56 -41.85 9.44
N LEU D 86 0.47 -41.12 9.19
CA LEU D 86 -0.06 -40.20 10.19
C LEU D 86 -1.58 -40.41 10.39
N HIS D 87 -2.07 -40.04 11.57
CA HIS D 87 -3.51 -40.08 11.87
C HIS D 87 -4.24 -39.00 11.08
N VAL D 88 -5.50 -39.29 10.75
CA VAL D 88 -6.36 -38.40 9.96
C VAL D 88 -7.74 -38.40 10.60
N GLN D 89 -8.40 -37.24 10.60
CA GLN D 89 -9.78 -37.12 11.04
C GLN D 89 -10.50 -36.30 9.99
N ILE D 90 -11.51 -36.89 9.38
CA ILE D 90 -12.15 -36.31 8.20
C ILE D 90 -13.58 -35.92 8.54
N GLY D 91 -14.07 -34.89 7.85
CA GLY D 91 -15.42 -34.44 7.99
C GLY D 91 -15.73 -33.83 9.33
N VAL D 92 -14.81 -33.03 9.89
CA VAL D 92 -15.06 -32.48 11.23
C VAL D 92 -15.86 -31.20 11.21
N LYS D 93 -16.97 -31.22 11.95
CA LYS D 93 -17.82 -30.04 12.10
C LYS D 93 -17.06 -29.00 12.93
N ASN D 94 -16.39 -29.42 14.01
CA ASN D 94 -15.62 -28.50 14.85
C ASN D 94 -14.20 -28.98 15.16
N LYS D 95 -13.22 -28.19 14.74
CA LYS D 95 -11.85 -28.63 14.83
C LYS D 95 -11.34 -28.61 16.26
N ARG D 96 -11.77 -27.62 17.03
CA ARG D 96 -11.42 -27.59 18.45
C ARG D 96 -11.77 -28.91 19.13
N LEU D 97 -13.02 -29.34 18.99
CA LEU D 97 -13.48 -30.59 19.61
C LEU D 97 -12.66 -31.77 19.13
N ALA D 98 -12.32 -31.80 17.85
CA ALA D 98 -11.47 -32.87 17.31
C ALA D 98 -10.12 -32.89 18.01
N VAL D 99 -9.47 -31.73 18.04
CA VAL D 99 -8.20 -31.59 18.74
C VAL D 99 -8.31 -32.03 20.21
N LEU D 100 -9.32 -31.50 20.88
CA LEU D 100 -9.57 -31.85 22.26
C LEU D 100 -9.74 -33.36 22.45
N ALA D 101 -10.34 -34.03 21.48
CA ALA D 101 -10.50 -35.47 21.55
C ALA D 101 -9.14 -36.15 21.49
N LEU D 102 -8.28 -35.66 20.60
CA LEU D 102 -6.93 -36.18 20.41
C LEU D 102 -6.03 -35.94 21.63
N CYS D 103 -6.23 -34.85 22.34
CA CYS D 103 -5.52 -34.64 23.60
C CYS D 103 -5.81 -35.73 24.62
N GLN D 104 -7.08 -36.10 24.75
CA GLN D 104 -7.49 -37.12 25.69
C GLN D 104 -6.93 -38.48 25.27
N GLU D 105 -7.01 -38.79 23.97
CA GLU D 105 -6.48 -40.06 23.47
C GLU D 105 -4.98 -40.26 23.77
N HIS D 106 -4.19 -39.18 23.77
CA HIS D 106 -2.75 -39.30 23.98
C HIS D 106 -2.32 -38.78 25.36
N GLY D 107 -3.29 -38.43 26.21
CA GLY D 107 -3.02 -37.92 27.55
C GLY D 107 -2.27 -36.61 27.57
N LEU D 108 -2.70 -35.66 26.74
CA LEU D 108 -1.99 -34.38 26.57
C LEU D 108 -2.84 -33.20 26.96
N SER D 109 -2.19 -32.08 27.23
CA SER D 109 -2.84 -30.81 27.46
C SER D 109 -2.89 -30.05 26.12
N LEU D 110 -3.75 -29.03 26.03
CA LEU D 110 -3.78 -28.15 24.87
C LEU D 110 -2.46 -27.39 24.70
N ASP D 111 -1.76 -27.16 25.79
CA ASP D 111 -0.48 -26.49 25.77
C ASP D 111 0.61 -27.26 25.07
N GLN D 112 0.35 -28.53 24.79
CA GLN D 112 1.32 -29.38 24.18
C GLN D 112 0.95 -29.64 22.74
N VAL D 113 0.05 -28.83 22.20
CA VAL D 113 -0.47 -29.03 20.87
C VAL D 113 -0.13 -27.87 19.94
N LEU D 114 0.23 -28.21 18.71
CA LEU D 114 0.46 -27.27 17.66
C LEU D 114 -0.64 -27.45 16.65
N PHE D 115 -1.17 -26.34 16.14
CA PHE D 115 -2.17 -26.40 15.07
C PHE D 115 -1.84 -25.41 13.97
N MET D 116 -1.88 -25.88 12.73
CA MET D 116 -1.61 -25.01 11.60
C MET D 116 -2.81 -24.98 10.68
N GLY D 117 -3.33 -23.79 10.41
CA GLY D 117 -4.52 -23.61 9.58
C GLY D 117 -4.47 -22.28 8.84
N ASP D 118 -5.36 -22.08 7.88
CA ASP D 118 -5.30 -20.88 7.00
C ASP D 118 -6.57 -20.04 6.92
N ASP D 119 -7.70 -20.58 7.38
CA ASP D 119 -8.99 -19.88 7.22
C ASP D 119 -9.97 -20.17 8.38
N LEU D 120 -11.14 -19.55 8.30
CA LEU D 120 -12.13 -19.54 9.38
C LEU D 120 -12.44 -20.88 10.08
N PRO D 121 -12.62 -21.96 9.31
CA PRO D 121 -12.96 -23.18 10.03
C PRO D 121 -11.86 -23.64 11.03
N ASP D 122 -10.62 -23.18 10.85
CA ASP D 122 -9.51 -23.53 11.74
C ASP D 122 -9.47 -22.68 13.01
N LEU D 123 -10.25 -21.62 13.03
CA LEU D 123 -10.09 -20.61 14.06
C LEU D 123 -10.35 -21.13 15.46
N PRO D 124 -11.36 -22.00 15.64
CA PRO D 124 -11.66 -22.46 17.01
C PRO D 124 -10.45 -23.16 17.63
N ALA D 125 -9.76 -23.92 16.79
CA ALA D 125 -8.56 -24.64 17.21
C ALA D 125 -7.39 -23.69 17.37
N LEU D 126 -7.18 -22.84 16.38
CA LEU D 126 -6.08 -21.91 16.47
C LEU D 126 -6.12 -21.16 17.80
N LEU D 127 -7.31 -20.79 18.24
CA LEU D 127 -7.42 -20.00 19.49
C LEU D 127 -7.31 -20.84 20.77
N ALA D 128 -7.38 -22.15 20.67
CA ALA D 128 -7.38 -23.03 21.82
C ALA D 128 -6.01 -23.67 22.08
N VAL D 129 -5.17 -23.82 21.06
CA VAL D 129 -3.94 -24.58 21.25
C VAL D 129 -2.76 -23.79 21.83
N GLY D 130 -1.78 -24.52 22.35
CA GLY D 130 -0.56 -23.91 22.83
C GLY D 130 0.22 -23.21 21.74
N LEU D 131 0.24 -23.79 20.54
CA LEU D 131 1.06 -23.23 19.45
C LEU D 131 0.35 -23.19 18.09
N PRO D 132 -0.41 -22.12 17.85
CA PRO D 132 -1.04 -21.97 16.57
C PRO D 132 -0.03 -21.45 15.58
N VAL D 133 -0.20 -21.79 14.31
CA VAL D 133 0.59 -21.23 13.25
C VAL D 133 -0.22 -21.08 12.00
N ALA D 134 0.17 -20.12 11.16
CA ALA D 134 -0.49 -19.95 9.90
C ALA D 134 0.52 -19.75 8.79
N PRO D 135 0.21 -20.29 7.60
CA PRO D 135 1.09 -20.04 6.49
C PRO D 135 1.00 -18.60 5.97
N ALA D 136 1.88 -18.24 5.04
CA ALA D 136 1.94 -16.84 4.55
C ALA D 136 0.71 -16.48 3.74
N ASN D 137 0.18 -17.43 3.02
CA ASN D 137 -1.04 -17.20 2.25
C ASN D 137 -2.33 -17.17 3.10
N ALA D 138 -2.22 -17.20 4.43
CA ALA D 138 -3.42 -17.31 5.28
C ALA D 138 -4.34 -16.11 5.12
N HIS D 139 -5.64 -16.34 5.21
CA HIS D 139 -6.58 -15.22 5.22
C HIS D 139 -6.26 -14.23 6.34
N PRO D 140 -6.36 -12.91 6.08
CA PRO D 140 -5.98 -11.91 7.08
C PRO D 140 -6.73 -12.04 8.38
N TRP D 141 -7.98 -12.44 8.36
CA TRP D 141 -8.69 -12.70 9.60
C TRP D 141 -8.03 -13.74 10.51
N ILE D 142 -7.31 -14.70 9.93
CA ILE D 142 -6.59 -15.72 10.68
C ILE D 142 -5.19 -15.22 11.02
N ALA D 143 -4.49 -14.72 10.01
CA ALA D 143 -3.20 -14.09 10.19
C ALA D 143 -3.20 -13.13 11.41
N GLU D 144 -4.16 -12.22 11.44
CA GLU D 144 -4.34 -11.23 12.52
C GLU D 144 -4.44 -11.84 13.90
N ARG D 145 -4.89 -13.08 13.95
CA ARG D 145 -5.24 -13.71 15.22
C ARG D 145 -4.20 -14.77 15.64
N VAL D 146 -3.15 -14.92 14.85
CA VAL D 146 -2.04 -15.85 15.16
C VAL D 146 -0.69 -15.15 15.01
N GLN D 147 0.18 -15.26 16.02
CA GLN D 147 1.49 -14.54 15.93
C GLN D 147 2.44 -15.20 14.92
N TRP D 148 2.52 -16.54 14.91
CA TRP D 148 3.52 -17.22 14.10
C TRP D 148 3.04 -17.43 12.67
N HIS D 149 3.69 -16.76 11.72
CA HIS D 149 3.42 -16.94 10.31
C HIS D 149 4.67 -17.50 9.65
N THR D 150 4.53 -18.54 8.84
CA THR D 150 5.66 -19.05 8.10
C THR D 150 6.00 -18.09 6.96
N ARG D 151 7.26 -18.06 6.57
CA ARG D 151 7.66 -17.31 5.40
C ARG D 151 7.05 -17.93 4.18
N ALA D 152 7.02 -19.26 4.11
CA ALA D 152 6.51 -19.94 2.92
C ALA D 152 5.00 -20.09 2.89
N ARG D 153 4.49 -20.35 1.69
CA ARG D 153 3.08 -20.48 1.42
C ARG D 153 2.63 -21.92 1.56
N GLY D 154 1.35 -22.08 1.85
CA GLY D 154 0.76 -23.39 1.93
C GLY D 154 1.01 -24.10 0.64
N GLY D 155 1.42 -25.35 0.73
CA GLY D 155 1.62 -26.18 -0.46
C GLY D 155 2.94 -25.87 -1.17
N GLU D 156 3.73 -24.99 -0.55
CA GLU D 156 5.06 -24.62 -1.04
C GLU D 156 6.08 -24.65 0.11
N GLY D 157 5.91 -25.61 1.03
CA GLY D 157 6.86 -25.83 2.11
C GLY D 157 6.54 -25.21 3.46
N ALA D 158 5.36 -24.62 3.60
CA ALA D 158 5.00 -23.97 4.85
C ALA D 158 4.99 -24.97 6.01
N ALA D 159 4.46 -26.16 5.76
CA ALA D 159 4.42 -27.17 6.81
C ALA D 159 5.83 -27.69 7.14
N ARG D 160 6.69 -27.85 6.13
CA ARG D 160 8.05 -28.23 6.40
C ARG D 160 8.69 -27.18 7.27
N GLU D 161 8.43 -25.93 6.95
CA GLU D 161 9.02 -24.83 7.71
C GLU D 161 8.63 -24.94 9.19
N VAL D 162 7.40 -25.36 9.46
CA VAL D 162 6.95 -25.61 10.81
C VAL D 162 7.68 -26.81 11.40
N CYS D 163 7.65 -27.93 10.70
CA CYS D 163 8.37 -29.12 11.17
C CYS D 163 9.81 -28.79 11.54
N ASP D 164 10.51 -28.06 10.67
CA ASP D 164 11.90 -27.73 10.94
C ASP D 164 12.06 -26.99 12.29
N VAL D 165 11.15 -26.07 12.57
CA VAL D 165 11.24 -25.30 13.79
C VAL D 165 11.13 -26.21 15.01
N VAL D 166 10.11 -27.06 14.96
CA VAL D 166 9.80 -27.93 16.08
C VAL D 166 10.95 -28.87 16.32
N LEU D 167 11.38 -29.53 15.26
CA LEU D 167 12.53 -30.40 15.35
C LEU D 167 13.76 -29.64 15.88
N ALA D 168 14.01 -28.44 15.40
CA ALA D 168 15.15 -27.68 15.89
C ALA D 168 15.00 -27.39 17.38
N ALA D 169 13.80 -26.99 17.78
CA ALA D 169 13.57 -26.65 19.19
C ALA D 169 13.70 -27.86 20.09
N GLN D 170 13.53 -29.06 19.52
CA GLN D 170 13.63 -30.30 20.29
C GLN D 170 14.98 -31.04 20.08
N GLY D 171 15.99 -30.30 19.58
CA GLY D 171 17.35 -30.78 19.53
C GLY D 171 17.56 -31.92 18.53
N GLN D 172 16.71 -31.99 17.52
CA GLN D 172 16.65 -33.15 16.65
C GLN D 172 17.47 -32.99 15.34
N VAL D 173 18.02 -31.80 15.10
CA VAL D 173 18.54 -31.45 13.77
C VAL D 173 19.84 -32.15 13.49
N ASP D 174 20.80 -31.99 14.39
CA ASP D 174 22.13 -32.55 14.20
C ASP D 174 22.05 -34.00 13.77
N SER D 175 21.15 -34.76 14.38
CA SER D 175 21.05 -36.17 14.09
C SER D 175 20.30 -36.41 12.77
N ILE D 176 19.36 -35.55 12.43
CA ILE D 176 18.67 -35.63 11.14
C ILE D 176 19.70 -35.52 10.06
N ILE D 177 20.51 -34.48 10.12
CA ILE D 177 21.58 -34.29 9.15
C ILE D 177 22.58 -35.43 9.09
N ALA D 178 22.98 -35.94 10.25
CA ALA D 178 23.91 -37.06 10.29
C ALA D 178 23.33 -38.29 9.60
N ARG D 179 22.04 -38.56 9.82
CA ARG D 179 21.43 -39.75 9.24
C ARG D 179 21.52 -39.69 7.73
N PHE D 180 21.41 -38.49 7.17
CA PHE D 180 21.37 -38.33 5.70
C PHE D 180 22.70 -37.98 5.02
N SER D 181 23.78 -37.89 5.76
CA SER D 181 25.03 -37.39 5.17
C SER D 181 25.83 -38.44 4.45
N ALA D 182 25.41 -39.70 4.53
CA ALA D 182 25.99 -40.76 3.69
C ALA D 182 25.17 -42.04 3.80
#